data_4ZJR
#
_entry.id   4ZJR
#
_cell.length_a   98.409
_cell.length_b   98.409
_cell.length_c   129.752
_cell.angle_alpha   90.000
_cell.angle_beta   90.000
_cell.angle_gamma   120.000
#
_symmetry.space_group_name_H-M   'P 31'
#
loop_
_entity.id
_entity.type
_entity.pdbx_description
1 polymer 'Nuclear receptor ROR-gamma'
2 non-polymer "6-chloro-4'-[(2-chloro-6-fluorobenzoyl)(methyl)amino]-3'-(2,2,2-trifluoroethoxy)biphenyl-3-carboxamide"
3 water water
#
_entity_poly.entity_id   1
_entity_poly.type   'polypeptide(L)'
_entity_poly.pdbx_seq_one_letter_code
;GSASLTEIEHLVQSVCKSYRETCQLRLEDLLRQRSNIFSREEVTGYQRKSMWEMWERCAHHLTEAIQYVVEFAKRLSGFM
ELCQNDQIVLLKAGAMEVVLVRMCRAYNADNRTVFFEGKYGGMELFRALGCSELISSIFDFSHSLSALHFSEDEIALYTA
LVLINAHRPGLQEKRKVEQLQYNLELAFHHHLCKTHRQSILAKLPPKGKLRSLCSQHVERLQIFQ
;
_entity_poly.pdbx_strand_id   A,B,C,D
#
loop_
_chem_comp.id
_chem_comp.type
_chem_comp.name
_chem_comp.formula
4P3 non-polymer 6-chloro-4'-[(2-chloro-6-fluorobenzoyl)(methyl)amino]-3'-(2,2,2-trifluoroethoxy)biphenyl-3-carboxamide 'C23 H16 Cl2 F4 N2 O3'
#
# COMPACT_ATOMS: atom_id res chain seq x y z
N ALA A 3 6.38 -12.02 27.47
CA ALA A 3 6.22 -10.66 26.85
C ALA A 3 7.10 -9.56 27.46
N SER A 4 8.12 -9.13 26.71
CA SER A 4 8.94 -7.91 27.02
C SER A 4 8.25 -6.56 26.67
N LEU A 5 8.99 -5.44 26.66
CA LEU A 5 8.43 -4.13 26.26
C LEU A 5 8.48 -3.91 24.76
N THR A 6 9.54 -4.40 24.14
CA THR A 6 9.70 -4.37 22.68
C THR A 6 8.68 -5.25 22.04
N GLU A 7 8.36 -6.37 22.69
CA GLU A 7 7.38 -7.30 22.18
C GLU A 7 5.95 -6.73 22.27
N ILE A 8 5.64 -6.10 23.39
CA ILE A 8 4.32 -5.57 23.57
C ILE A 8 4.19 -4.24 22.85
N GLU A 9 5.23 -3.40 22.92
CA GLU A 9 5.25 -2.20 22.11
C GLU A 9 5.20 -2.50 20.61
N HIS A 10 5.79 -3.63 20.21
CA HIS A 10 5.69 -4.09 18.82
C HIS A 10 4.28 -4.56 18.45
N LEU A 11 3.66 -5.29 19.35
CA LEU A 11 2.30 -5.74 19.17
C LEU A 11 1.36 -4.53 19.06
N VAL A 12 1.56 -3.52 19.90
CA VAL A 12 0.70 -2.33 19.79
C VAL A 12 0.72 -1.73 18.39
N GLN A 13 1.90 -1.69 17.79
CA GLN A 13 2.13 -1.03 16.50
C GLN A 13 1.62 -1.88 15.33
N SER A 14 1.89 -3.19 15.40
CA SER A 14 1.34 -4.13 14.46
C SER A 14 -0.16 -3.93 14.35
N VAL A 15 -0.88 -3.99 15.50
CA VAL A 15 -2.33 -3.89 15.47
C VAL A 15 -2.85 -2.57 14.89
N CYS A 16 -2.22 -1.47 15.31
CA CYS A 16 -2.61 -0.16 14.83
C CYS A 16 -2.39 0.01 13.33
N LYS A 17 -1.21 -0.44 12.86
CA LYS A 17 -0.92 -0.51 11.41
C LYS A 17 -1.96 -1.39 10.67
N SER A 18 -2.20 -2.61 11.19
CA SER A 18 -3.23 -3.54 10.63
C SER A 18 -4.61 -2.91 10.51
N TYR A 19 -5.06 -2.28 11.61
CA TYR A 19 -6.27 -1.49 11.58
C TYR A 19 -6.18 -0.40 10.51
N ARG A 20 -5.13 0.42 10.52
CA ARG A 20 -5.11 1.55 9.58
C ARG A 20 -5.18 1.13 8.09
N GLU A 21 -4.50 0.04 7.71
CA GLU A 21 -4.64 -0.50 6.37
C GLU A 21 -6.04 -1.06 6.06
N THR A 22 -6.80 -1.53 7.05
CA THR A 22 -8.05 -2.21 6.77
C THR A 22 -9.27 -1.42 7.11
N CYS A 23 -9.14 -0.14 7.40
CA CYS A 23 -10.23 0.55 8.09
C CYS A 23 -11.31 1.05 7.11
N GLN A 24 -11.21 0.65 5.86
CA GLN A 24 -12.21 0.91 4.83
C GLN A 24 -12.45 2.32 4.37
N LEU A 25 -12.87 3.16 5.29
CA LEU A 25 -13.06 4.56 5.02
C LEU A 25 -12.17 5.37 5.95
N ARG A 26 -11.43 6.32 5.38
CA ARG A 26 -10.42 7.09 6.09
C ARG A 26 -11.11 8.01 7.03
N LEU A 27 -10.66 8.04 8.28
CA LEU A 27 -10.95 9.13 9.19
C LEU A 27 -10.95 10.51 8.53
N GLU A 28 -9.92 10.75 7.70
CA GLU A 28 -9.70 12.03 7.03
C GLU A 28 -10.95 12.49 6.33
N ASP A 29 -11.42 11.64 5.42
CA ASP A 29 -12.64 11.88 4.66
C ASP A 29 -13.88 11.97 5.56
N LEU A 30 -14.07 10.98 6.41
CA LEU A 30 -15.20 10.99 7.32
C LEU A 30 -15.39 12.36 7.95
N LEU A 31 -14.32 12.97 8.45
CA LEU A 31 -14.37 14.28 9.16
C LEU A 31 -14.55 15.42 8.22
N ARG A 32 -13.80 15.43 7.13
CA ARG A 32 -14.07 16.38 6.03
C ARG A 32 -15.57 16.52 5.71
N GLN A 33 -16.27 15.40 5.56
CA GLN A 33 -17.64 15.38 4.98
C GLN A 33 -18.76 15.70 5.98
N ARG A 34 -18.47 16.27 7.13
CA ARG A 34 -19.49 16.49 8.13
C ARG A 34 -20.31 17.72 7.82
N SER A 35 -19.62 18.80 7.45
CA SER A 35 -20.22 20.03 6.90
C SER A 35 -21.30 19.70 5.88
N ASN A 36 -21.01 18.67 5.09
CA ASN A 36 -21.87 18.10 4.08
C ASN A 36 -22.92 17.07 4.65
N ILE A 37 -24.18 17.38 4.35
CA ILE A 37 -25.36 16.84 5.03
C ILE A 37 -26.41 16.58 3.94
N PHE A 38 -27.27 15.56 4.14
CA PHE A 38 -28.36 15.29 3.17
C PHE A 38 -29.45 16.41 3.25
N SER A 39 -29.81 17.00 2.11
CA SER A 39 -31.04 17.82 2.03
C SER A 39 -32.30 17.01 2.32
N ARG A 40 -33.36 17.71 2.69
CA ARG A 40 -34.69 17.09 2.89
C ARG A 40 -35.19 16.36 1.61
N GLU A 41 -34.77 16.82 0.45
CA GLU A 41 -35.08 16.14 -0.78
C GLU A 41 -34.34 14.80 -0.76
N GLU A 42 -33.08 14.82 -0.32
CA GLU A 42 -32.30 13.61 -0.37
C GLU A 42 -32.92 12.57 0.59
N VAL A 43 -33.13 12.99 1.83
CA VAL A 43 -33.71 12.16 2.88
C VAL A 43 -34.98 11.50 2.39
N THR A 44 -35.88 12.34 1.90
CA THR A 44 -37.19 11.88 1.48
C THR A 44 -37.10 10.80 0.39
N GLY A 45 -36.09 10.95 -0.46
CA GLY A 45 -35.69 9.97 -1.41
C GLY A 45 -35.28 8.65 -0.83
N TYR A 46 -34.40 8.64 0.17
CA TYR A 46 -34.07 7.36 0.80
C TYR A 46 -35.30 6.83 1.55
N GLN A 47 -36.12 7.71 2.11
CA GLN A 47 -37.32 7.29 2.84
C GLN A 47 -38.27 6.60 1.94
N ARG A 48 -38.43 7.16 0.74
CA ARG A 48 -39.35 6.63 -0.24
C ARG A 48 -39.02 5.25 -0.74
N LYS A 49 -37.76 4.83 -0.67
CA LYS A 49 -37.39 3.53 -1.22
C LYS A 49 -38.17 2.39 -0.57
N SER A 50 -38.00 1.23 -1.17
CA SER A 50 -38.52 0.05 -0.55
C SER A 50 -37.57 -0.54 0.50
N MET A 51 -38.15 -1.22 1.45
CA MET A 51 -37.30 -1.84 2.45
C MET A 51 -36.25 -2.75 1.78
N TRP A 52 -36.65 -3.29 0.63
CA TRP A 52 -35.85 -4.24 -0.13
C TRP A 52 -34.74 -3.54 -0.86
N GLU A 53 -35.05 -2.41 -1.47
CA GLU A 53 -34.03 -1.60 -2.11
C GLU A 53 -33.03 -1.25 -1.03
N MET A 54 -33.50 -0.62 0.04
CA MET A 54 -32.61 -0.27 1.15
C MET A 54 -31.71 -1.41 1.60
N TRP A 55 -32.30 -2.58 1.83
CA TRP A 55 -31.65 -3.69 2.45
C TRP A 55 -30.47 -4.13 1.67
N GLU A 56 -30.71 -4.31 0.39
CA GLU A 56 -29.66 -4.76 -0.43
C GLU A 56 -28.54 -3.72 -0.44
N ARG A 57 -28.84 -2.42 -0.45
CA ARG A 57 -27.77 -1.40 -0.37
C ARG A 57 -26.96 -1.45 0.91
N CYS A 58 -27.65 -1.55 2.02
CA CYS A 58 -27.00 -1.72 3.29
C CYS A 58 -26.21 -3.05 3.35
N ALA A 59 -26.75 -4.09 2.72
CA ALA A 59 -26.11 -5.39 2.73
C ALA A 59 -24.90 -5.41 1.85
N HIS A 60 -24.79 -4.46 0.93
CA HIS A 60 -23.61 -4.36 0.10
C HIS A 60 -22.45 -3.81 0.93
N HIS A 61 -22.73 -2.75 1.68
CA HIS A 61 -21.75 -2.13 2.57
C HIS A 61 -21.38 -3.07 3.78
N LEU A 62 -22.36 -3.79 4.30
CA LEU A 62 -22.11 -4.71 5.36
C LEU A 62 -21.16 -5.79 4.94
N THR A 63 -21.35 -6.32 3.76
CA THR A 63 -20.47 -7.35 3.24
C THR A 63 -19.08 -6.77 3.04
N GLU A 64 -19.06 -5.62 2.39
CA GLU A 64 -17.82 -4.94 2.17
C GLU A 64 -17.09 -4.68 3.50
N ALA A 65 -17.85 -4.29 4.53
CA ALA A 65 -17.27 -3.99 5.80
C ALA A 65 -16.81 -5.25 6.52
N ILE A 66 -17.51 -6.36 6.33
CA ILE A 66 -17.11 -7.62 6.92
C ILE A 66 -15.87 -8.15 6.24
N GLN A 67 -15.76 -7.92 4.93
CA GLN A 67 -14.47 -8.20 4.29
C GLN A 67 -13.33 -7.47 5.05
N TYR A 68 -13.41 -6.15 5.25
CA TYR A 68 -12.33 -5.47 6.02
C TYR A 68 -12.00 -5.98 7.46
N VAL A 69 -13.02 -6.36 8.22
CA VAL A 69 -12.80 -6.96 9.53
C VAL A 69 -11.99 -8.26 9.42
N VAL A 70 -12.35 -9.11 8.48
CA VAL A 70 -11.58 -10.33 8.22
C VAL A 70 -10.10 -10.01 7.88
N GLU A 71 -9.86 -8.98 7.10
CA GLU A 71 -8.49 -8.65 6.70
C GLU A 71 -7.70 -8.20 7.90
N PHE A 72 -8.28 -7.28 8.68
CA PHE A 72 -7.76 -6.90 9.99
C PHE A 72 -7.42 -8.18 10.80
N ALA A 73 -8.37 -9.09 10.97
CA ALA A 73 -8.11 -10.31 11.78
C ALA A 73 -6.98 -11.13 11.23
N LYS A 74 -7.00 -11.34 9.93
CA LYS A 74 -5.87 -11.99 9.28
C LYS A 74 -4.49 -11.32 9.54
N ARG A 75 -4.45 -10.00 9.58
CA ARG A 75 -3.23 -9.27 9.89
C ARG A 75 -2.87 -9.27 11.39
N LEU A 76 -3.78 -9.71 12.26
CA LEU A 76 -3.45 -9.76 13.67
C LEU A 76 -2.35 -10.76 13.86
N SER A 77 -1.43 -10.43 14.75
CA SER A 77 -0.34 -11.33 15.12
C SER A 77 -0.81 -12.66 15.67
N GLY A 78 -0.27 -13.72 15.12
CA GLY A 78 -0.71 -15.03 15.50
C GLY A 78 -2.18 -15.29 15.32
N PHE A 79 -2.94 -14.49 14.57
CA PHE A 79 -4.33 -14.88 14.24
C PHE A 79 -4.36 -15.98 13.21
N MET A 80 -3.49 -15.85 12.21
CA MET A 80 -3.39 -16.86 11.12
C MET A 80 -2.77 -18.18 11.55
N GLU A 81 -1.98 -18.19 12.62
CA GLU A 81 -1.39 -19.44 13.13
C GLU A 81 -2.41 -20.30 13.90
N LEU A 82 -3.64 -19.83 14.10
CA LEU A 82 -4.76 -20.63 14.68
C LEU A 82 -5.37 -21.55 13.64
N CYS A 83 -6.01 -22.64 14.04
CA CYS A 83 -6.63 -23.54 13.04
C CYS A 83 -7.74 -22.80 12.32
N GLN A 84 -8.12 -23.29 11.15
CA GLN A 84 -9.20 -22.71 10.34
C GLN A 84 -10.47 -22.68 11.15
N ASN A 85 -10.77 -23.76 11.85
CA ASN A 85 -11.99 -23.84 12.64
C ASN A 85 -12.14 -22.71 13.67
N ASP A 86 -11.01 -22.32 14.30
CA ASP A 86 -11.01 -21.32 15.38
C ASP A 86 -11.23 -19.90 14.80
N GLN A 87 -10.45 -19.61 13.76
CA GLN A 87 -10.60 -18.34 13.00
C GLN A 87 -12.05 -18.05 12.58
N ILE A 88 -12.77 -19.11 12.24
CA ILE A 88 -14.15 -19.06 11.85
C ILE A 88 -14.97 -18.78 13.11
N VAL A 89 -14.61 -19.44 14.20
CA VAL A 89 -15.39 -19.23 15.43
C VAL A 89 -15.29 -17.77 15.80
N LEU A 90 -14.08 -17.21 15.78
CA LEU A 90 -13.88 -15.85 16.29
C LEU A 90 -14.50 -14.75 15.44
N LEU A 91 -14.33 -14.87 14.14
CA LEU A 91 -14.95 -13.95 13.16
C LEU A 91 -16.48 -14.03 13.14
N LYS A 92 -16.99 -15.22 13.26
CA LYS A 92 -18.41 -15.42 13.25
C LYS A 92 -19.06 -14.91 14.52
N ALA A 93 -18.34 -14.83 15.64
CA ALA A 93 -18.88 -14.22 16.88
C ALA A 93 -18.66 -12.72 16.92
N GLY A 94 -17.60 -12.25 16.28
CA GLY A 94 -17.06 -10.95 16.59
C GLY A 94 -17.03 -9.94 15.48
N ALA A 95 -16.99 -10.47 14.25
CA ALA A 95 -17.08 -9.66 13.04
C ALA A 95 -18.07 -8.53 13.19
N MET A 96 -19.33 -8.86 13.41
CA MET A 96 -20.37 -7.87 13.47
C MET A 96 -20.25 -6.91 14.65
N GLU A 97 -19.73 -7.39 15.79
CA GLU A 97 -19.54 -6.48 16.95
C GLU A 97 -18.52 -5.39 16.55
N VAL A 98 -17.39 -5.82 15.98
CA VAL A 98 -16.38 -4.88 15.43
C VAL A 98 -16.94 -3.86 14.45
N VAL A 99 -17.77 -4.30 13.53
CA VAL A 99 -18.33 -3.37 12.58
C VAL A 99 -19.16 -2.35 13.30
N LEU A 100 -19.96 -2.76 14.28
CA LEU A 100 -20.74 -1.78 15.06
C LEU A 100 -19.76 -0.79 15.74
N VAL A 101 -18.77 -1.30 16.48
CA VAL A 101 -17.79 -0.40 17.11
C VAL A 101 -17.25 0.52 16.03
N ARG A 102 -16.82 -0.05 14.91
CA ARG A 102 -16.24 0.78 13.84
C ARG A 102 -17.19 1.89 13.26
N MET A 103 -18.49 1.81 13.54
CA MET A 103 -19.49 2.78 13.09
C MET A 103 -19.39 4.09 13.84
N CYS A 104 -19.10 4.04 15.11
CA CYS A 104 -18.84 5.29 15.90
C CYS A 104 -18.01 6.39 15.18
N ARG A 105 -17.12 5.98 14.27
CA ARG A 105 -16.26 6.93 13.58
C ARG A 105 -16.99 7.82 12.62
N ALA A 106 -17.99 7.27 12.00
CA ALA A 106 -18.76 8.00 11.04
C ALA A 106 -19.93 8.71 11.72
N TYR A 107 -20.04 8.61 13.04
CA TYR A 107 -21.07 9.27 13.78
C TYR A 107 -20.58 10.59 14.34
N ASN A 108 -21.46 11.58 14.21
CA ASN A 108 -21.20 12.96 14.56
C ASN A 108 -22.15 13.31 15.69
N ALA A 109 -21.62 13.48 16.90
CA ALA A 109 -22.50 13.69 18.05
C ALA A 109 -23.03 15.12 18.08
N ASP A 110 -22.28 16.01 17.45
CA ASP A 110 -22.55 17.42 17.48
C ASP A 110 -23.87 17.77 16.73
N ASN A 111 -24.33 16.88 15.86
CA ASN A 111 -25.66 16.98 15.23
C ASN A 111 -26.41 15.65 15.04
N ARG A 112 -26.03 14.59 15.75
CA ARG A 112 -26.74 13.33 15.69
C ARG A 112 -26.96 12.73 14.26
N THR A 113 -25.96 12.83 13.41
CA THR A 113 -25.96 12.23 12.08
C THR A 113 -24.82 11.24 11.87
N VAL A 114 -24.95 10.45 10.80
CA VAL A 114 -23.97 9.43 10.49
C VAL A 114 -23.69 9.52 9.01
N PHE A 115 -22.45 9.31 8.60
CA PHE A 115 -22.14 9.15 7.19
C PHE A 115 -22.85 7.94 6.57
N PHE A 116 -23.72 8.18 5.58
CA PHE A 116 -24.24 7.13 4.70
C PHE A 116 -24.04 7.53 3.27
N GLU A 117 -23.57 6.58 2.46
CA GLU A 117 -23.47 6.74 1.03
C GLU A 117 -23.10 8.15 0.61
N GLY A 118 -21.91 8.54 1.02
CA GLY A 118 -21.31 9.77 0.55
C GLY A 118 -21.61 10.98 1.40
N LYS A 119 -22.71 10.99 2.13
CA LYS A 119 -23.05 12.20 2.90
C LYS A 119 -23.39 11.83 4.30
N TYR A 120 -23.69 12.84 5.09
CA TYR A 120 -24.22 12.59 6.43
C TYR A 120 -25.73 12.63 6.42
N GLY A 121 -26.36 11.80 7.22
CA GLY A 121 -27.81 11.91 7.46
C GLY A 121 -28.20 11.54 8.86
N GLY A 122 -29.44 11.89 9.21
CA GLY A 122 -30.03 11.54 10.49
C GLY A 122 -30.60 10.17 10.43
N MET A 123 -31.28 9.74 11.49
CA MET A 123 -31.69 8.32 11.59
C MET A 123 -32.94 7.98 10.76
N GLU A 124 -33.82 8.98 10.65
CA GLU A 124 -34.96 9.02 9.71
C GLU A 124 -34.64 8.60 8.24
N LEU A 125 -33.38 8.76 7.84
CA LEU A 125 -32.90 8.24 6.56
C LEU A 125 -33.27 6.76 6.34
N PHE A 126 -33.27 5.96 7.40
CA PHE A 126 -33.45 4.53 7.35
C PHE A 126 -34.87 4.13 7.71
N ARG A 127 -35.81 5.03 7.54
CA ARG A 127 -37.23 4.74 7.82
C ARG A 127 -37.80 3.51 7.11
N ALA A 128 -37.42 3.35 5.85
CA ALA A 128 -37.89 2.25 5.04
C ALA A 128 -37.66 0.93 5.69
N LEU A 129 -36.60 0.79 6.50
CA LEU A 129 -36.33 -0.52 7.11
C LEU A 129 -37.27 -0.89 8.26
N GLY A 130 -38.01 0.09 8.78
CA GLY A 130 -38.95 -0.14 9.90
C GLY A 130 -38.22 -0.76 11.07
N CYS A 131 -36.97 -0.34 11.28
CA CYS A 131 -36.11 -0.77 12.37
C CYS A 131 -35.72 0.44 13.19
N SER A 132 -36.72 1.16 13.69
CA SER A 132 -36.50 2.39 14.48
C SER A 132 -35.80 2.15 15.82
N GLU A 133 -36.12 1.06 16.50
CA GLU A 133 -35.59 0.75 17.83
C GLU A 133 -34.14 0.48 17.66
N LEU A 134 -33.88 -0.45 16.76
CA LEU A 134 -32.53 -0.86 16.42
C LEU A 134 -31.66 0.29 15.95
N ILE A 135 -32.13 1.08 15.00
CA ILE A 135 -31.28 2.14 14.49
C ILE A 135 -30.96 3.09 15.61
N SER A 136 -31.96 3.32 16.46
CA SER A 136 -31.87 4.34 17.46
C SER A 136 -30.89 3.92 18.50
N SER A 137 -30.87 2.64 18.86
CA SER A 137 -29.77 2.14 19.69
C SER A 137 -28.41 2.39 19.07
N ILE A 138 -28.30 2.14 17.79
CA ILE A 138 -26.99 2.19 17.13
C ILE A 138 -26.51 3.60 17.26
N PHE A 139 -27.44 4.55 17.15
CA PHE A 139 -27.06 5.95 17.30
C PHE A 139 -26.58 6.21 18.72
N ASP A 140 -27.25 5.63 19.71
CA ASP A 140 -26.85 5.67 21.12
C ASP A 140 -25.54 4.98 21.51
N PHE A 141 -25.25 3.82 20.95
CA PHE A 141 -23.97 3.18 21.24
C PHE A 141 -22.82 3.87 20.49
N SER A 142 -23.13 4.46 19.34
CA SER A 142 -22.12 5.22 18.58
C SER A 142 -21.88 6.58 19.24
N HIS A 143 -22.92 7.08 19.90
CA HIS A 143 -22.86 8.37 20.59
C HIS A 143 -21.93 8.35 21.77
N SER A 144 -22.13 7.31 22.59
CA SER A 144 -21.48 7.23 23.86
C SER A 144 -19.99 6.99 23.65
N LEU A 145 -19.62 6.28 22.59
CA LEU A 145 -18.18 6.16 22.24
C LEU A 145 -17.58 7.42 21.61
N SER A 146 -18.33 8.11 20.74
CA SER A 146 -17.80 9.31 20.06
C SER A 146 -17.52 10.36 21.12
N ALA A 147 -18.32 10.38 22.17
CA ALA A 147 -18.08 11.28 23.30
C ALA A 147 -16.98 10.87 24.28
N LEU A 148 -16.26 9.78 24.04
CA LEU A 148 -14.98 9.56 24.70
C LEU A 148 -13.88 9.78 23.68
N HIS A 149 -14.22 10.38 22.55
CA HIS A 149 -13.25 10.74 21.55
C HIS A 149 -12.32 9.59 21.27
N PHE A 150 -12.90 8.43 20.99
CA PHE A 150 -12.14 7.22 20.72
C PHE A 150 -11.16 7.40 19.58
N SER A 151 -9.87 7.30 19.88
CA SER A 151 -8.85 7.46 18.85
C SER A 151 -8.80 6.24 17.93
N GLU A 152 -8.08 6.37 16.83
CA GLU A 152 -7.95 5.28 15.88
C GLU A 152 -7.24 4.12 16.52
N ASP A 153 -6.19 4.41 17.34
CA ASP A 153 -5.45 3.34 17.99
C ASP A 153 -6.24 2.63 19.09
N GLU A 154 -7.01 3.42 19.85
CA GLU A 154 -8.01 2.90 20.79
C GLU A 154 -8.99 1.97 20.10
N ILE A 155 -9.56 2.37 18.98
CA ILE A 155 -10.42 1.50 18.18
C ILE A 155 -9.75 0.19 17.67
N ALA A 156 -8.61 0.35 17.04
CA ALA A 156 -7.85 -0.81 16.58
C ALA A 156 -7.72 -1.83 17.68
N LEU A 157 -7.21 -1.36 18.81
CA LEU A 157 -6.87 -2.25 19.90
C LEU A 157 -8.11 -2.86 20.60
N TYR A 158 -9.15 -2.03 20.78
CA TYR A 158 -10.38 -2.49 21.41
C TYR A 158 -10.96 -3.50 20.47
N THR A 159 -11.07 -3.14 19.20
CA THR A 159 -11.69 -4.08 18.26
C THR A 159 -10.95 -5.41 18.22
N ALA A 160 -9.62 -5.39 18.35
CA ALA A 160 -8.82 -6.60 18.37
C ALA A 160 -9.19 -7.54 19.53
N LEU A 161 -9.66 -7.01 20.65
CA LEU A 161 -10.01 -7.82 21.80
C LEU A 161 -11.47 -8.31 21.74
N VAL A 162 -12.34 -7.55 21.10
CA VAL A 162 -13.68 -8.00 20.77
C VAL A 162 -13.59 -9.28 19.88
N LEU A 163 -12.54 -9.35 19.04
CA LEU A 163 -12.28 -10.48 18.17
C LEU A 163 -11.64 -11.64 18.86
N ILE A 164 -10.53 -11.35 19.52
CA ILE A 164 -9.72 -12.39 20.16
C ILE A 164 -10.18 -12.62 21.58
N ASN A 165 -11.07 -13.61 21.74
CA ASN A 165 -11.79 -13.89 22.98
C ASN A 165 -11.75 -15.36 23.24
N ALA A 166 -11.08 -15.79 24.29
CA ALA A 166 -10.99 -17.22 24.61
C ALA A 166 -12.29 -17.85 25.11
N HIS A 167 -13.27 -17.07 25.54
CA HIS A 167 -14.54 -17.63 26.03
C HIS A 167 -15.59 -17.78 24.94
N ARG A 168 -15.20 -17.74 23.67
CA ARG A 168 -16.19 -18.10 22.67
C ARG A 168 -16.24 -19.63 22.66
N PRO A 169 -17.43 -20.20 22.73
CA PRO A 169 -17.51 -21.63 22.54
C PRO A 169 -17.23 -22.00 21.10
N GLY A 170 -16.71 -23.21 20.92
CA GLY A 170 -16.50 -23.79 19.61
C GLY A 170 -15.04 -23.89 19.36
N LEU A 171 -14.23 -23.26 20.21
CA LEU A 171 -12.83 -23.21 19.91
C LEU A 171 -12.19 -24.56 20.34
N GLN A 172 -11.30 -25.04 19.50
CA GLN A 172 -10.61 -26.28 19.75
C GLN A 172 -9.29 -26.07 20.46
N GLU A 173 -8.63 -24.93 20.22
CA GLU A 173 -7.33 -24.63 20.82
C GLU A 173 -7.46 -23.39 21.67
N LYS A 174 -8.38 -23.44 22.62
CA LYS A 174 -8.59 -22.36 23.61
C LYS A 174 -7.29 -21.68 24.10
N ARG A 175 -6.31 -22.49 24.51
CA ARG A 175 -5.08 -22.04 25.15
C ARG A 175 -4.38 -20.99 24.32
N LYS A 176 -4.18 -21.31 23.03
CA LYS A 176 -3.51 -20.39 22.12
C LYS A 176 -4.27 -19.06 22.02
N VAL A 177 -5.61 -19.15 22.12
CA VAL A 177 -6.45 -17.97 22.07
C VAL A 177 -6.29 -17.12 23.33
N GLU A 178 -6.29 -17.77 24.48
CA GLU A 178 -6.11 -17.04 25.72
C GLU A 178 -4.84 -16.26 25.68
N GLN A 179 -3.83 -16.87 25.03
CA GLN A 179 -2.45 -16.33 24.90
C GLN A 179 -2.36 -15.15 23.94
N LEU A 180 -3.09 -15.28 22.85
CA LEU A 180 -3.30 -14.18 21.92
C LEU A 180 -4.11 -13.09 22.64
N GLN A 181 -5.22 -13.46 23.24
CA GLN A 181 -6.05 -12.50 23.98
C GLN A 181 -5.31 -11.69 25.03
N TYR A 182 -4.54 -12.40 25.85
CA TYR A 182 -3.81 -11.77 26.94
C TYR A 182 -2.76 -10.80 26.42
N ASN A 183 -2.06 -11.18 25.35
CA ASN A 183 -1.06 -10.33 24.82
C ASN A 183 -1.60 -8.99 24.33
N LEU A 184 -2.81 -9.05 23.77
CA LEU A 184 -3.49 -7.85 23.28
C LEU A 184 -3.99 -7.01 24.48
N GLU A 185 -4.47 -7.65 25.53
CA GLU A 185 -4.86 -6.88 26.73
C GLU A 185 -3.71 -6.00 27.23
N LEU A 186 -2.53 -6.65 27.37
CA LEU A 186 -1.28 -5.94 27.70
C LEU A 186 -1.01 -4.77 26.78
N ALA A 187 -1.21 -4.96 25.48
CA ALA A 187 -0.92 -3.92 24.51
C ALA A 187 -1.89 -2.78 24.70
N PHE A 188 -3.16 -3.13 24.82
CA PHE A 188 -4.19 -2.15 25.11
C PHE A 188 -3.85 -1.37 26.39
N HIS A 189 -3.60 -2.07 27.48
CA HIS A 189 -3.34 -1.39 28.76
C HIS A 189 -2.03 -0.64 28.75
N HIS A 190 -1.01 -1.20 28.10
CA HIS A 190 0.27 -0.47 27.93
C HIS A 190 0.04 0.87 27.21
N HIS A 191 -0.53 0.79 25.99
CA HIS A 191 -0.79 1.99 25.16
C HIS A 191 -1.65 3.00 25.86
N LEU A 192 -2.67 2.51 26.54
CA LEU A 192 -3.44 3.36 27.40
C LEU A 192 -2.63 4.12 28.45
N CYS A 193 -1.57 3.49 28.99
CA CYS A 193 -0.70 4.16 29.98
C CYS A 193 0.22 5.16 29.28
N LYS A 194 0.64 4.81 28.08
CA LYS A 194 1.47 5.71 27.29
C LYS A 194 0.72 6.94 26.78
N THR A 195 -0.54 6.78 26.44
CA THR A 195 -1.32 7.87 25.94
C THR A 195 -2.12 8.56 27.01
N HIS A 196 -1.87 8.29 28.29
CA HIS A 196 -2.57 9.00 29.42
C HIS A 196 -4.10 8.85 29.30
N ARG A 197 -4.54 7.69 28.82
CA ARG A 197 -5.94 7.42 28.57
C ARG A 197 -6.47 6.35 29.48
N GLN A 198 -5.67 5.91 30.42
CA GLN A 198 -6.14 4.93 31.36
C GLN A 198 -7.60 5.21 31.79
N SER A 199 -8.00 6.48 31.75
CA SER A 199 -9.37 6.97 32.09
C SER A 199 -10.56 6.32 31.46
N ILE A 200 -10.42 5.96 30.20
CA ILE A 200 -11.57 5.47 29.43
C ILE A 200 -12.04 4.04 29.72
N LEU A 201 -11.27 3.23 30.45
CA LEU A 201 -11.69 1.87 30.77
C LEU A 201 -13.06 1.84 31.45
N ALA A 202 -13.15 2.43 32.64
CA ALA A 202 -14.44 2.44 33.33
C ALA A 202 -15.56 3.03 32.47
N LYS A 203 -15.22 3.95 31.54
CA LYS A 203 -16.22 4.60 30.68
C LYS A 203 -16.63 3.87 29.35
N LEU A 204 -16.16 2.65 29.11
CA LEU A 204 -16.57 1.93 27.91
C LEU A 204 -17.85 1.14 28.19
N PRO A 205 -18.68 0.97 27.16
CA PRO A 205 -19.86 0.12 27.31
C PRO A 205 -19.42 -1.34 27.52
N PRO A 206 -20.03 -2.03 28.50
CA PRO A 206 -19.72 -3.44 28.80
C PRO A 206 -19.94 -4.44 27.66
N LYS A 207 -19.34 -5.63 27.82
CA LYS A 207 -19.58 -6.81 26.96
C LYS A 207 -21.06 -7.03 26.87
N GLY A 208 -21.75 -6.83 27.96
CA GLY A 208 -23.16 -7.00 27.90
C GLY A 208 -23.81 -6.20 26.81
N LYS A 209 -23.66 -4.88 26.84
CA LYS A 209 -24.41 -4.05 25.88
C LYS A 209 -24.09 -4.51 24.48
N LEU A 210 -22.82 -4.41 24.14
CA LEU A 210 -22.32 -4.67 22.79
C LEU A 210 -22.79 -6.03 22.17
N ARG A 211 -22.70 -7.10 22.95
CA ARG A 211 -23.24 -8.41 22.57
C ARG A 211 -24.76 -8.36 22.36
N SER A 212 -25.51 -7.76 23.28
CA SER A 212 -27.01 -7.76 23.18
C SER A 212 -27.58 -6.89 22.04
N LEU A 213 -26.81 -5.89 21.63
CA LEU A 213 -27.11 -5.04 20.50
C LEU A 213 -26.80 -5.78 19.20
N CYS A 214 -25.60 -6.33 19.12
CA CYS A 214 -25.18 -7.10 17.95
C CYS A 214 -26.10 -8.28 17.66
N SER A 215 -26.70 -8.85 18.71
CA SER A 215 -27.68 -9.93 18.57
C SER A 215 -28.98 -9.40 18.01
N GLN A 216 -29.50 -8.31 18.58
CA GLN A 216 -30.62 -7.55 17.96
C GLN A 216 -30.40 -7.17 16.47
N HIS A 217 -29.15 -6.83 16.14
CA HIS A 217 -28.70 -6.50 14.76
C HIS A 217 -28.73 -7.71 13.79
N VAL A 218 -28.19 -8.85 14.25
CA VAL A 218 -28.10 -10.07 13.42
C VAL A 218 -29.51 -10.69 13.16
N GLU A 219 -30.39 -10.55 14.14
CA GLU A 219 -31.79 -10.93 14.04
C GLU A 219 -32.49 -10.46 12.77
N ALA B 3 43.59 33.50 10.91
CA ALA B 3 42.45 34.01 11.75
C ALA B 3 42.61 35.46 12.17
N SER B 4 42.62 36.37 11.17
CA SER B 4 42.58 37.83 11.39
C SER B 4 41.13 38.33 11.32
N LEU B 5 40.93 39.65 11.30
CA LEU B 5 39.64 40.21 11.72
C LEU B 5 38.59 40.21 10.63
N THR B 6 38.89 40.76 9.47
CA THR B 6 37.92 40.75 8.36
C THR B 6 37.36 39.37 8.23
N GLU B 7 38.29 38.43 8.23
CA GLU B 7 37.98 37.03 8.06
C GLU B 7 36.97 36.52 9.11
N ILE B 8 37.32 36.56 10.40
CA ILE B 8 36.35 36.26 11.44
C ILE B 8 34.97 36.91 11.17
N GLU B 9 34.96 38.20 10.88
CA GLU B 9 33.70 38.94 10.72
C GLU B 9 32.99 38.43 9.50
N HIS B 10 33.75 38.23 8.43
CA HIS B 10 33.21 37.67 7.23
C HIS B 10 32.59 36.28 7.47
N LEU B 11 33.29 35.43 8.20
CA LEU B 11 32.77 34.10 8.50
C LEU B 11 31.43 34.20 9.32
N VAL B 12 31.43 35.04 10.34
CA VAL B 12 30.23 35.27 11.15
C VAL B 12 29.14 35.61 10.20
N GLN B 13 29.43 36.61 9.37
CA GLN B 13 28.44 37.28 8.56
C GLN B 13 27.96 36.33 7.51
N SER B 14 28.91 35.59 6.93
CA SER B 14 28.62 34.48 6.01
C SER B 14 27.61 33.53 6.67
N VAL B 15 27.99 32.89 7.77
CA VAL B 15 27.16 31.85 8.40
C VAL B 15 25.75 32.31 8.77
N CYS B 16 25.54 33.62 8.97
CA CYS B 16 24.23 34.11 9.40
C CYS B 16 23.36 34.21 8.16
N LYS B 17 24.00 34.50 7.03
CA LYS B 17 23.31 34.59 5.74
C LYS B 17 22.77 33.20 5.36
N SER B 18 23.58 32.16 5.57
CA SER B 18 23.15 30.76 5.32
C SER B 18 21.99 30.35 6.22
N TYR B 19 22.05 30.71 7.48
CA TYR B 19 20.96 30.40 8.34
C TYR B 19 19.70 31.19 7.93
N ARG B 20 19.90 32.46 7.60
CA ARG B 20 18.84 33.31 7.03
C ARG B 20 18.08 32.64 5.85
N GLU B 21 18.85 32.16 4.88
CA GLU B 21 18.40 31.51 3.68
C GLU B 21 17.94 30.06 3.83
N THR B 22 18.25 29.38 4.94
CA THR B 22 17.86 27.97 5.07
C THR B 22 17.05 27.66 6.34
N CYS B 23 16.48 28.67 7.02
CA CYS B 23 15.85 28.40 8.31
C CYS B 23 14.48 27.77 8.25
N GLN B 24 13.82 27.75 7.07
CA GLN B 24 12.53 26.99 6.87
C GLN B 24 11.26 27.50 7.52
N LEU B 25 11.40 28.54 8.31
CA LEU B 25 10.28 29.14 8.97
C LEU B 25 10.67 30.50 9.47
N ARG B 26 10.67 31.47 8.58
CA ARG B 26 10.96 32.87 8.85
C ARG B 26 10.49 33.31 10.21
N LEU B 27 11.39 33.92 10.98
CA LEU B 27 11.10 34.22 12.39
C LEU B 27 9.83 35.00 12.62
N GLU B 28 9.65 35.97 11.75
CA GLU B 28 8.47 36.84 11.78
C GLU B 28 7.18 36.01 11.87
N ASP B 29 7.07 35.02 10.98
CA ASP B 29 5.88 34.17 10.85
C ASP B 29 5.59 33.39 12.13
N LEU B 30 6.61 32.74 12.68
CA LEU B 30 6.48 32.12 14.01
C LEU B 30 5.84 33.03 15.08
N LEU B 31 6.31 34.28 15.17
CA LEU B 31 5.85 35.25 16.18
C LEU B 31 4.54 35.87 15.78
N ARG B 32 4.32 36.03 14.49
CA ARG B 32 3.02 36.51 13.99
C ARG B 32 1.90 35.48 14.17
N GLN B 33 2.23 34.18 14.20
CA GLN B 33 1.24 33.12 14.47
C GLN B 33 1.21 32.62 15.91
N ARG B 34 1.70 33.39 16.87
CA ARG B 34 1.58 33.03 18.30
C ARG B 34 0.15 32.90 18.76
N SER B 35 -0.54 34.02 18.72
CA SER B 35 -1.93 34.14 19.05
C SER B 35 -2.85 33.22 18.27
N ASN B 36 -2.31 32.44 17.37
CA ASN B 36 -3.06 31.53 16.53
C ASN B 36 -3.03 30.04 17.11
N ILE B 37 -3.60 29.87 18.32
CA ILE B 37 -3.48 28.67 19.17
C ILE B 37 -4.59 27.66 18.88
N PHE B 38 -4.25 26.39 18.64
CA PHE B 38 -5.30 25.37 18.30
C PHE B 38 -6.42 25.32 19.34
N SER B 39 -7.67 25.33 18.87
CA SER B 39 -8.85 25.20 19.74
C SER B 39 -8.83 23.80 20.32
N ARG B 40 -9.67 23.63 21.34
CA ARG B 40 -9.96 22.33 21.95
C ARG B 40 -10.51 21.32 20.91
N GLU B 41 -11.26 21.81 19.95
CA GLU B 41 -11.73 20.91 18.91
C GLU B 41 -10.50 20.39 18.17
N GLU B 42 -9.74 21.27 17.54
CA GLU B 42 -8.67 20.79 16.67
C GLU B 42 -7.66 19.87 17.36
N VAL B 43 -7.42 20.07 18.66
CA VAL B 43 -6.47 19.27 19.45
C VAL B 43 -6.99 17.85 19.52
N THR B 44 -8.18 17.66 20.06
CA THR B 44 -8.95 16.39 19.96
C THR B 44 -8.77 15.66 18.61
N GLY B 45 -8.71 16.44 17.54
CA GLY B 45 -8.74 15.87 16.20
C GLY B 45 -7.40 15.35 15.80
N TYR B 46 -6.39 15.85 16.50
CA TYR B 46 -5.02 15.41 16.30
C TYR B 46 -4.79 14.20 17.17
N GLN B 47 -5.53 14.13 18.26
CA GLN B 47 -5.33 13.11 19.26
C GLN B 47 -6.04 11.85 18.83
N ARG B 48 -7.05 12.00 17.98
CA ARG B 48 -7.83 10.89 17.49
C ARG B 48 -7.07 10.12 16.42
N LYS B 49 -6.18 10.81 15.70
CA LYS B 49 -5.44 10.22 14.56
C LYS B 49 -4.59 9.07 15.00
N SER B 50 -4.47 8.06 14.15
CA SER B 50 -3.52 6.98 14.37
C SER B 50 -2.13 7.51 14.62
N MET B 51 -1.35 6.78 15.42
CA MET B 51 0.09 7.08 15.52
C MET B 51 0.69 7.16 14.12
N TRP B 52 0.31 6.20 13.27
CA TRP B 52 0.83 6.11 11.93
C TRP B 52 0.51 7.29 11.06
N GLU B 53 -0.62 7.97 11.28
CA GLU B 53 -0.85 9.23 10.53
C GLU B 53 0.09 10.27 11.08
N MET B 54 0.11 10.39 12.40
CA MET B 54 1.00 11.38 13.02
C MET B 54 2.43 11.17 12.60
N TRP B 55 2.86 9.93 12.49
CA TRP B 55 4.21 9.63 12.10
C TRP B 55 4.54 10.18 10.70
N GLU B 56 3.72 9.82 9.74
CA GLU B 56 3.91 10.20 8.37
C GLU B 56 3.78 11.72 8.14
N ARG B 57 2.99 12.39 8.95
CA ARG B 57 3.02 13.84 8.98
C ARG B 57 4.38 14.29 9.51
N CYS B 58 4.80 13.77 10.66
CA CYS B 58 6.04 14.25 11.33
C CYS B 58 7.29 13.86 10.59
N ALA B 59 7.20 12.79 9.83
CA ALA B 59 8.30 12.31 9.01
C ALA B 59 8.44 13.22 7.83
N HIS B 60 7.35 13.81 7.38
CA HIS B 60 7.40 14.67 6.22
C HIS B 60 7.86 16.08 6.58
N HIS B 61 7.62 16.48 7.82
CA HIS B 61 8.00 17.79 8.25
C HIS B 61 9.48 17.76 8.51
N LEU B 62 9.93 16.58 8.94
CA LEU B 62 11.23 16.40 9.51
C LEU B 62 12.31 16.31 8.44
N THR B 63 12.00 15.59 7.35
CA THR B 63 12.90 15.40 6.25
C THR B 63 12.99 16.71 5.52
N GLU B 64 11.91 17.46 5.57
CA GLU B 64 11.99 18.80 5.03
C GLU B 64 12.96 19.62 5.92
N ALA B 65 12.98 19.37 7.22
CA ALA B 65 13.81 20.16 8.08
C ALA B 65 15.20 19.77 7.70
N ILE B 66 15.51 18.48 7.78
CA ILE B 66 16.83 18.01 7.46
C ILE B 66 17.34 18.59 6.11
N GLN B 67 16.50 18.57 5.05
CA GLN B 67 16.83 19.18 3.74
C GLN B 67 17.43 20.58 3.89
N TYR B 68 16.85 21.32 4.82
CA TYR B 68 17.36 22.61 5.12
C TYR B 68 18.69 22.65 5.85
N VAL B 69 18.95 21.63 6.66
CA VAL B 69 20.18 21.54 7.41
C VAL B 69 21.36 21.13 6.56
N VAL B 70 21.18 20.15 5.68
CA VAL B 70 22.18 19.82 4.71
C VAL B 70 22.45 21.04 3.79
N GLU B 71 21.44 21.86 3.50
CA GLU B 71 21.69 23.06 2.68
C GLU B 71 22.43 24.17 3.47
N PHE B 72 22.04 24.38 4.75
CA PHE B 72 22.73 25.26 5.66
C PHE B 72 24.17 24.81 5.69
N ALA B 73 24.40 23.51 5.90
CA ALA B 73 25.76 22.99 5.98
C ALA B 73 26.59 23.29 4.75
N LYS B 74 25.97 23.23 3.59
CA LYS B 74 26.73 23.23 2.34
C LYS B 74 27.28 24.59 2.02
N ARG B 75 26.39 25.56 2.12
CA ARG B 75 26.73 26.95 2.22
C ARG B 75 27.77 27.32 3.26
N LEU B 76 28.07 26.44 4.23
CA LEU B 76 29.15 26.69 5.19
C LEU B 76 30.50 26.73 4.47
N SER B 77 31.04 27.94 4.29
CA SER B 77 32.39 28.12 3.75
C SER B 77 33.34 27.02 4.26
N GLY B 78 33.97 26.28 3.35
CA GLY B 78 34.77 25.15 3.75
C GLY B 78 34.06 23.80 3.84
N PHE B 79 32.77 23.73 4.19
CA PHE B 79 32.09 22.40 4.24
C PHE B 79 32.16 21.56 2.95
N MET B 80 31.86 22.20 1.81
CA MET B 80 31.90 21.53 0.50
C MET B 80 33.28 21.03 0.10
N GLU B 81 34.34 21.65 0.59
CA GLU B 81 35.71 21.23 0.25
C GLU B 81 36.10 19.97 1.05
N LEU B 82 35.43 19.66 2.15
CA LEU B 82 35.66 18.34 2.83
C LEU B 82 35.35 17.20 1.88
N CYS B 83 36.00 16.06 2.05
CA CYS B 83 35.70 14.89 1.22
C CYS B 83 34.26 14.46 1.43
N GLN B 84 33.68 13.84 0.42
CA GLN B 84 32.28 13.37 0.47
C GLN B 84 32.01 12.49 1.67
N ASN B 85 33.00 11.68 2.04
CA ASN B 85 32.92 10.93 3.27
C ASN B 85 32.58 11.77 4.46
N ASP B 86 33.37 12.82 4.73
CA ASP B 86 33.29 13.56 6.01
C ASP B 86 32.07 14.44 6.06
N GLN B 87 31.68 14.91 4.88
CA GLN B 87 30.41 15.61 4.73
C GLN B 87 29.31 14.77 5.33
N ILE B 88 29.29 13.49 4.92
CA ILE B 88 28.27 12.54 5.36
C ILE B 88 28.36 12.27 6.84
N VAL B 89 29.58 11.99 7.31
CA VAL B 89 29.81 11.65 8.73
C VAL B 89 29.29 12.77 9.62
N LEU B 90 29.52 14.01 9.21
CA LEU B 90 29.11 15.17 9.97
C LEU B 90 27.62 15.36 10.04
N LEU B 91 27.01 15.42 8.87
CA LEU B 91 25.55 15.54 8.78
C LEU B 91 24.83 14.38 9.40
N LYS B 92 25.34 13.18 9.19
CA LYS B 92 24.81 12.03 9.91
C LYS B 92 24.89 12.17 11.42
N ALA B 93 25.92 12.79 11.99
CA ALA B 93 25.95 12.89 13.49
C ALA B 93 25.16 14.07 14.02
N GLY B 94 25.28 15.24 13.39
CA GLY B 94 24.64 16.46 13.89
C GLY B 94 23.32 16.92 13.29
N ALA B 95 22.96 16.45 12.09
CA ALA B 95 21.78 16.99 11.44
C ALA B 95 20.54 17.02 12.33
N MET B 96 20.20 15.95 12.97
CA MET B 96 18.99 15.87 13.78
C MET B 96 19.07 16.72 15.10
N GLU B 97 20.28 17.06 15.58
CA GLU B 97 20.50 17.98 16.70
C GLU B 97 20.29 19.42 16.28
N VAL B 98 20.64 19.73 15.04
CA VAL B 98 20.41 21.10 14.52
C VAL B 98 18.94 21.38 14.45
N VAL B 99 18.17 20.35 14.17
CA VAL B 99 16.72 20.46 14.12
C VAL B 99 16.14 20.77 15.48
N LEU B 100 16.69 20.18 16.54
CA LEU B 100 16.15 20.34 17.90
C LEU B 100 16.47 21.73 18.44
N VAL B 101 17.66 22.22 18.15
CA VAL B 101 17.99 23.60 18.41
C VAL B 101 17.16 24.52 17.56
N ARG B 102 16.97 24.20 16.29
CA ARG B 102 16.11 25.04 15.47
C ARG B 102 14.70 25.14 16.04
N MET B 103 14.19 24.02 16.61
CA MET B 103 12.82 23.96 17.19
C MET B 103 12.48 25.06 18.19
N CYS B 104 13.45 25.51 18.99
CA CYS B 104 13.20 26.59 20.00
C CYS B 104 12.63 27.89 19.43
N ARG B 105 12.90 28.21 18.17
CA ARG B 105 12.28 29.39 17.54
C ARG B 105 10.78 29.22 17.46
N ALA B 106 10.32 27.98 17.39
CA ALA B 106 8.90 27.70 17.32
C ALA B 106 8.29 27.51 18.72
N TYR B 107 9.09 27.42 19.75
CA TYR B 107 8.56 27.28 21.10
C TYR B 107 8.19 28.63 21.66
N ASN B 108 6.95 28.74 22.14
CA ASN B 108 6.42 29.90 22.83
C ASN B 108 6.45 29.61 24.30
N ALA B 109 7.27 30.34 25.05
CA ALA B 109 7.42 30.04 26.46
C ALA B 109 6.36 30.75 27.32
N ASP B 110 5.52 31.55 26.69
CA ASP B 110 4.51 32.33 27.35
C ASP B 110 3.38 31.41 27.81
N ASN B 111 3.21 30.27 27.11
CA ASN B 111 2.13 29.29 27.41
C ASN B 111 2.51 27.77 27.35
N ARG B 112 3.79 27.45 27.11
CA ARG B 112 4.25 26.08 26.86
C ARG B 112 3.68 25.52 25.57
N THR B 113 3.89 26.19 24.45
CA THR B 113 3.31 25.74 23.20
C THR B 113 4.28 25.88 22.08
N VAL B 114 4.03 25.11 21.02
CA VAL B 114 4.96 24.98 19.91
C VAL B 114 4.18 25.06 18.62
N PHE B 115 4.71 25.74 17.63
CA PHE B 115 4.03 25.91 16.37
C PHE B 115 4.02 24.57 15.70
N PHE B 116 3.08 24.34 14.79
CA PHE B 116 3.01 23.07 14.11
C PHE B 116 1.87 23.09 13.14
N GLU B 117 2.15 22.79 11.90
CA GLU B 117 1.13 22.77 10.89
C GLU B 117 0.13 23.90 10.91
N GLY B 118 0.61 25.08 11.18
CA GLY B 118 -0.20 26.32 11.18
C GLY B 118 -0.43 26.97 12.53
N LYS B 119 -0.45 26.24 13.63
CA LYS B 119 -0.84 26.90 14.89
C LYS B 119 -0.04 26.43 16.07
N TYR B 120 -0.14 27.17 17.15
CA TYR B 120 0.47 26.76 18.39
C TYR B 120 -0.43 25.79 19.14
N GLY B 121 0.17 24.92 19.92
CA GLY B 121 -0.56 23.85 20.56
C GLY B 121 0.43 23.22 21.49
N GLY B 122 -0.05 22.64 22.57
CA GLY B 122 0.79 22.18 23.62
C GLY B 122 1.03 20.73 23.38
N MET B 123 1.82 20.10 24.26
CA MET B 123 2.32 18.74 23.94
C MET B 123 1.24 17.66 23.84
N GLU B 124 0.10 17.87 24.50
CA GLU B 124 -1.06 17.00 24.33
C GLU B 124 -1.37 16.74 22.83
N LEU B 125 -1.15 17.74 22.01
CA LEU B 125 -1.22 17.58 20.57
C LEU B 125 -0.62 16.26 20.01
N PHE B 126 0.53 15.82 20.57
CA PHE B 126 1.26 14.67 20.09
C PHE B 126 0.98 13.40 20.84
N ARG B 127 -0.04 13.39 21.69
CA ARG B 127 -0.49 12.15 22.38
C ARG B 127 -0.50 10.86 21.61
N ALA B 128 -1.00 10.88 20.39
CA ALA B 128 -1.23 9.65 19.64
C ALA B 128 0.02 8.91 19.31
N LEU B 129 1.17 9.58 19.34
CA LEU B 129 2.45 8.87 19.13
C LEU B 129 2.88 8.05 20.36
N GLY B 130 2.27 8.32 21.49
CA GLY B 130 2.71 7.74 22.76
C GLY B 130 4.15 7.99 23.18
N CYS B 131 4.61 9.22 23.03
CA CYS B 131 5.97 9.66 23.38
C CYS B 131 5.98 10.79 24.38
N SER B 132 5.18 10.63 25.42
CA SER B 132 5.02 11.66 26.43
C SER B 132 6.37 12.06 27.09
N GLU B 133 7.27 11.08 27.24
CA GLU B 133 8.55 11.28 27.88
C GLU B 133 9.42 12.11 26.92
N LEU B 134 9.72 11.55 25.77
CA LEU B 134 10.41 12.32 24.75
C LEU B 134 9.85 13.76 24.50
N ILE B 135 8.53 13.88 24.28
CA ILE B 135 7.98 15.20 23.91
C ILE B 135 8.21 16.20 25.05
N SER B 136 8.07 15.77 26.29
CA SER B 136 8.28 16.65 27.44
C SER B 136 9.69 17.12 27.46
N SER B 137 10.67 16.23 27.27
CA SER B 137 12.06 16.69 27.21
C SER B 137 12.28 17.81 26.19
N ILE B 138 11.67 17.61 25.03
CA ILE B 138 11.90 18.48 23.89
C ILE B 138 11.41 19.83 24.23
N PHE B 139 10.21 19.87 24.76
CA PHE B 139 9.64 21.11 25.29
C PHE B 139 10.52 21.80 26.34
N ASP B 140 10.96 21.00 27.30
CA ASP B 140 11.71 21.53 28.44
C ASP B 140 12.96 22.19 27.92
N PHE B 141 13.74 21.40 27.16
CA PHE B 141 14.97 21.83 26.46
C PHE B 141 14.75 23.02 25.55
N SER B 142 13.63 22.96 24.83
CA SER B 142 13.19 24.08 24.02
C SER B 142 12.96 25.29 24.91
N HIS B 143 12.26 25.09 26.01
CA HIS B 143 11.97 26.14 26.97
C HIS B 143 13.21 26.85 27.48
N SER B 144 14.25 26.10 27.73
CA SER B 144 15.51 26.62 28.23
C SER B 144 16.11 27.60 27.22
N LEU B 145 16.22 27.19 25.99
CA LEU B 145 16.73 28.02 24.92
C LEU B 145 15.83 29.19 24.58
N SER B 146 14.52 29.07 24.74
CA SER B 146 13.66 30.26 24.53
C SER B 146 13.92 31.33 25.65
N ALA B 147 14.18 30.86 26.87
CA ALA B 147 14.44 31.76 28.01
C ALA B 147 15.70 32.61 27.84
N LEU B 148 16.69 32.07 27.12
CA LEU B 148 17.90 32.81 26.84
C LEU B 148 17.76 33.81 25.70
N HIS B 149 16.54 33.90 25.14
CA HIS B 149 16.24 34.79 24.05
C HIS B 149 17.21 34.55 22.95
N PHE B 150 17.21 33.30 22.54
CA PHE B 150 18.20 32.77 21.62
C PHE B 150 18.01 33.38 20.23
N SER B 151 18.85 34.35 19.93
CA SER B 151 18.66 35.20 18.74
C SER B 151 19.01 34.49 17.44
N GLU B 152 18.48 34.97 16.33
CA GLU B 152 18.68 34.25 15.07
C GLU B 152 20.17 33.91 14.77
N ASP B 153 21.12 34.85 15.05
CA ASP B 153 22.53 34.65 14.71
C ASP B 153 23.25 33.76 15.71
N GLU B 154 22.75 33.76 16.93
CA GLU B 154 23.23 32.82 17.92
C GLU B 154 22.89 31.38 17.54
N ILE B 155 21.73 31.19 16.97
CA ILE B 155 21.36 29.89 16.47
C ILE B 155 22.26 29.46 15.34
N ALA B 156 22.45 30.37 14.40
CA ALA B 156 23.25 30.18 13.21
C ALA B 156 24.56 29.63 13.63
N LEU B 157 25.18 30.33 14.54
CA LEU B 157 26.56 30.04 14.91
C LEU B 157 26.69 28.80 15.76
N TYR B 158 25.72 28.63 16.63
CA TYR B 158 25.71 27.47 17.53
C TYR B 158 25.48 26.18 16.74
N THR B 159 24.41 26.17 15.96
CA THR B 159 24.15 25.05 15.03
C THR B 159 25.33 24.82 14.10
N ALA B 160 25.86 25.82 13.42
CA ALA B 160 27.12 25.66 12.70
C ALA B 160 28.09 24.83 13.48
N LEU B 161 28.29 25.04 14.75
CA LEU B 161 29.31 24.27 15.49
C LEU B 161 28.79 22.89 15.89
N VAL B 162 27.49 22.76 16.07
CA VAL B 162 26.92 21.45 16.31
C VAL B 162 27.26 20.48 15.13
N LEU B 163 27.29 21.03 13.91
CA LEU B 163 27.63 20.22 12.75
C LEU B 163 29.10 19.99 12.63
N ILE B 164 29.85 21.08 12.70
CA ILE B 164 31.28 21.07 12.41
C ILE B 164 32.04 20.67 13.67
N ASN B 165 31.95 19.36 14.01
CA ASN B 165 32.63 18.80 15.20
C ASN B 165 33.73 17.83 14.80
N ALA B 166 34.95 18.07 15.26
CA ALA B 166 36.04 17.17 14.87
C ALA B 166 36.11 15.86 15.67
N HIS B 167 35.37 15.73 16.75
CA HIS B 167 35.33 14.46 17.52
C HIS B 167 34.50 13.34 16.86
N ARG B 168 33.68 13.64 15.87
CA ARG B 168 32.89 12.58 15.25
C ARG B 168 33.76 11.41 14.77
N PRO B 169 33.45 10.20 15.25
CA PRO B 169 34.10 8.99 14.78
C PRO B 169 33.84 8.70 13.28
N GLY B 170 34.91 8.17 12.66
CA GLY B 170 34.95 7.83 11.26
C GLY B 170 35.33 8.96 10.37
N LEU B 171 35.69 10.11 10.93
CA LEU B 171 36.17 11.21 10.09
C LEU B 171 37.50 10.77 9.50
N GLN B 172 37.76 11.18 8.30
CA GLN B 172 38.98 10.76 7.70
C GLN B 172 39.88 11.91 7.42
N GLU B 173 39.49 13.11 7.85
CA GLU B 173 40.35 14.27 7.79
C GLU B 173 40.08 15.14 9.01
N LYS B 174 40.25 14.57 10.22
CA LYS B 174 40.24 15.31 11.50
C LYS B 174 40.84 16.72 11.47
N ARG B 175 41.92 16.92 10.68
CA ARG B 175 42.69 18.17 10.62
C ARG B 175 41.91 19.28 9.95
N LYS B 176 41.29 18.94 8.83
CA LYS B 176 40.57 19.91 8.02
C LYS B 176 39.31 20.37 8.72
N VAL B 177 38.66 19.42 9.39
CA VAL B 177 37.46 19.68 10.14
C VAL B 177 37.75 20.46 11.46
N GLU B 178 38.87 20.09 12.11
CA GLU B 178 39.35 20.82 13.27
C GLU B 178 39.50 22.30 12.92
N GLN B 179 40.03 22.57 11.73
CA GLN B 179 40.34 23.91 11.29
C GLN B 179 39.07 24.71 11.04
N LEU B 180 38.11 24.08 10.40
CA LEU B 180 36.84 24.76 10.21
C LEU B 180 36.20 24.97 11.60
N GLN B 181 36.33 23.99 12.47
CA GLN B 181 35.73 24.12 13.77
C GLN B 181 36.32 25.27 14.55
N TYR B 182 37.63 25.44 14.49
CA TYR B 182 38.22 26.47 15.32
C TYR B 182 37.87 27.84 14.78
N ASN B 183 37.93 28.02 13.46
CA ASN B 183 37.49 29.24 12.85
C ASN B 183 36.10 29.60 13.25
N LEU B 184 35.26 28.57 13.36
CA LEU B 184 33.85 28.78 13.78
C LEU B 184 33.74 29.20 15.22
N GLU B 185 34.59 28.62 16.07
CA GLU B 185 34.67 29.01 17.46
C GLU B 185 35.14 30.48 17.57
N LEU B 186 36.11 30.85 16.76
CA LEU B 186 36.43 32.27 16.65
C LEU B 186 35.14 33.06 16.36
N ALA B 187 34.53 32.86 15.20
CA ALA B 187 33.34 33.62 14.84
C ALA B 187 32.27 33.79 15.96
N PHE B 188 31.93 32.68 16.59
CA PHE B 188 30.87 32.63 17.60
C PHE B 188 31.25 33.48 18.79
N HIS B 189 32.40 33.16 19.37
CA HIS B 189 32.95 33.92 20.50
C HIS B 189 33.20 35.35 20.14
N HIS B 190 33.62 35.62 18.94
CA HIS B 190 33.79 37.01 18.52
C HIS B 190 32.43 37.78 18.40
N HIS B 191 31.40 37.14 17.92
CA HIS B 191 30.15 37.87 17.70
C HIS B 191 29.44 38.03 19.01
N LEU B 192 29.75 37.13 19.93
CA LEU B 192 29.19 37.22 21.25
C LEU B 192 29.75 38.45 21.92
N CYS B 193 31.03 38.70 21.69
CA CYS B 193 31.68 39.88 22.25
C CYS B 193 31.02 41.05 21.61
N LYS B 194 31.05 41.12 20.30
CA LYS B 194 30.40 42.23 19.56
C LYS B 194 28.92 42.54 19.91
N THR B 195 28.18 41.54 20.31
CA THR B 195 26.79 41.73 20.70
C THR B 195 26.59 41.88 22.19
N HIS B 196 27.68 41.91 22.98
CA HIS B 196 27.59 41.91 24.44
C HIS B 196 26.75 40.72 24.95
N ARG B 197 26.99 39.52 24.42
CA ARG B 197 26.21 38.32 24.77
C ARG B 197 27.04 37.19 25.43
N GLN B 198 28.24 37.51 25.87
CA GLN B 198 29.08 36.61 26.67
C GLN B 198 28.29 35.84 27.72
N SER B 199 27.31 36.48 28.33
CA SER B 199 26.42 35.90 29.33
C SER B 199 26.00 34.48 28.98
N ILE B 200 25.63 34.31 27.70
CA ILE B 200 24.97 33.10 27.26
C ILE B 200 25.84 31.85 27.30
N LEU B 201 27.15 31.91 27.01
CA LEU B 201 28.00 30.68 27.00
C LEU B 201 27.87 29.74 28.19
N ALA B 202 27.82 30.28 29.40
CA ALA B 202 27.69 29.43 30.56
C ALA B 202 26.22 28.96 30.78
N LYS B 203 25.26 29.70 30.25
CA LYS B 203 23.85 29.32 30.37
C LYS B 203 23.33 28.24 29.41
N LEU B 204 24.11 27.93 28.36
CA LEU B 204 23.71 26.99 27.31
C LEU B 204 23.56 25.56 27.79
N PRO B 205 22.58 24.84 27.25
CA PRO B 205 22.47 23.46 27.69
C PRO B 205 23.70 22.75 27.12
N PRO B 206 24.33 21.84 27.92
CA PRO B 206 25.53 21.13 27.40
C PRO B 206 25.35 20.31 26.09
N LYS B 207 26.43 20.20 25.33
CA LYS B 207 26.50 19.35 24.15
C LYS B 207 26.10 17.90 24.56
N GLY B 208 26.32 17.57 25.84
CA GLY B 208 25.71 16.46 26.53
C GLY B 208 24.20 16.40 26.45
N LYS B 209 23.46 17.33 27.07
CA LYS B 209 21.97 17.30 27.00
C LYS B 209 21.46 17.25 25.54
N LEU B 210 22.30 17.62 24.59
CA LEU B 210 21.92 17.63 23.22
C LEU B 210 22.04 16.23 22.56
N ARG B 211 23.22 15.64 22.73
CA ARG B 211 23.54 14.31 22.21
C ARG B 211 22.63 13.24 22.77
N SER B 212 22.37 13.31 24.07
CA SER B 212 21.59 12.28 24.74
C SER B 212 20.10 12.47 24.47
N LEU B 213 19.65 13.69 24.16
CA LEU B 213 18.25 13.93 23.77
C LEU B 213 18.09 13.60 22.33
N CYS B 214 19.05 14.00 21.52
CA CYS B 214 19.03 13.62 20.12
C CYS B 214 19.12 12.10 19.98
N SER B 215 20.05 11.49 20.72
CA SER B 215 20.12 10.00 20.91
C SER B 215 18.75 9.34 21.18
N GLN B 216 18.02 9.80 22.19
CA GLN B 216 16.69 9.25 22.46
C GLN B 216 15.67 9.54 21.32
N HIS B 217 15.61 10.78 20.82
CA HIS B 217 14.78 11.16 19.64
C HIS B 217 15.00 10.25 18.41
N VAL B 218 16.23 10.25 17.94
CA VAL B 218 16.64 9.44 16.82
C VAL B 218 16.24 8.01 17.11
N GLU B 219 15.93 7.71 18.37
CA GLU B 219 15.55 6.37 18.76
C GLU B 219 14.19 5.92 18.29
N ARG B 220 13.15 6.70 18.59
CA ARG B 220 11.83 6.34 18.12
C ARG B 220 11.92 6.13 16.62
N LEU B 221 12.11 4.88 16.18
CA LEU B 221 12.26 4.66 14.74
C LEU B 221 11.61 3.45 14.04
N GLN B 222 12.21 3.16 12.88
CA GLN B 222 11.88 2.15 11.86
C GLN B 222 11.18 2.76 10.63
N SER C 2 -33.70 -41.56 -1.81
CA SER C 2 -34.66 -40.49 -1.42
C SER C 2 -35.33 -39.85 -2.69
N ALA C 3 -35.70 -40.68 -3.68
CA ALA C 3 -36.23 -40.24 -4.96
C ALA C 3 -37.32 -41.17 -5.50
N SER C 4 -38.42 -40.56 -5.96
CA SER C 4 -39.35 -41.17 -6.95
C SER C 4 -38.80 -40.74 -8.33
N LEU C 5 -39.36 -41.25 -9.43
CA LEU C 5 -38.96 -40.75 -10.74
C LEU C 5 -39.34 -39.27 -10.95
N THR C 6 -40.46 -38.85 -10.41
CA THR C 6 -40.79 -37.45 -10.55
C THR C 6 -39.95 -36.54 -9.62
N GLU C 7 -39.73 -36.95 -8.37
CA GLU C 7 -38.85 -36.18 -7.50
C GLU C 7 -37.54 -35.95 -8.27
N ILE C 8 -37.10 -36.93 -9.06
CA ILE C 8 -35.90 -36.80 -9.84
C ILE C 8 -35.97 -35.79 -10.97
N GLU C 9 -37.08 -35.75 -11.71
CA GLU C 9 -37.23 -34.69 -12.71
C GLU C 9 -37.28 -33.27 -12.07
N HIS C 10 -37.70 -33.24 -10.80
CA HIS C 10 -37.74 -32.00 -10.06
C HIS C 10 -36.34 -31.49 -9.87
N LEU C 11 -35.48 -32.36 -9.35
CA LEU C 11 -34.09 -32.02 -9.05
C LEU C 11 -33.37 -31.49 -10.33
N VAL C 12 -33.60 -32.20 -11.44
CA VAL C 12 -33.07 -31.79 -12.73
C VAL C 12 -33.45 -30.32 -13.03
N GLN C 13 -34.69 -29.97 -12.73
CA GLN C 13 -35.15 -28.63 -13.01
C GLN C 13 -34.53 -27.68 -12.01
N SER C 14 -34.37 -28.10 -10.76
CA SER C 14 -33.68 -27.23 -9.79
C SER C 14 -32.26 -26.90 -10.22
N VAL C 15 -31.50 -27.97 -10.42
CA VAL C 15 -30.13 -27.82 -10.73
C VAL C 15 -29.95 -27.03 -12.02
N CYS C 16 -30.87 -27.17 -12.98
CA CYS C 16 -30.76 -26.36 -14.20
C CYS C 16 -31.14 -24.91 -13.96
N LYS C 17 -32.16 -24.66 -13.15
CA LYS C 17 -32.46 -23.30 -12.65
C LYS C 17 -31.29 -22.65 -11.84
N SER C 18 -30.81 -23.37 -10.82
CA SER C 18 -29.70 -22.87 -10.00
C SER C 18 -28.55 -22.48 -10.86
N TYR C 19 -28.20 -23.34 -11.81
CA TYR C 19 -27.14 -23.00 -12.75
C TYR C 19 -27.47 -21.72 -13.50
N ARG C 20 -28.60 -21.69 -14.20
CA ARG C 20 -28.95 -20.56 -15.02
C ARG C 20 -28.88 -19.24 -14.24
N GLU C 21 -29.50 -19.24 -13.08
CA GLU C 21 -29.43 -18.09 -12.24
C GLU C 21 -28.04 -17.69 -11.75
N THR C 22 -27.02 -18.53 -11.94
CA THR C 22 -25.67 -18.24 -11.43
C THR C 22 -24.57 -18.46 -12.42
N CYS C 23 -24.87 -18.65 -13.69
CA CYS C 23 -23.84 -18.94 -14.67
C CYS C 23 -22.79 -17.86 -14.91
N GLN C 24 -23.11 -16.65 -14.46
CA GLN C 24 -22.23 -15.50 -14.55
C GLN C 24 -21.87 -14.77 -15.83
N LEU C 25 -22.25 -15.31 -16.97
CA LEU C 25 -21.86 -14.77 -18.27
C LEU C 25 -22.82 -15.61 -19.05
N ARG C 26 -23.92 -15.03 -19.48
CA ARG C 26 -24.98 -15.79 -20.11
C ARG C 26 -24.52 -16.26 -21.48
N LEU C 27 -24.64 -17.58 -21.72
CA LEU C 27 -24.26 -18.16 -23.02
C LEU C 27 -24.53 -17.25 -24.23
N GLU C 28 -25.70 -16.61 -24.31
CA GLU C 28 -26.00 -15.68 -25.42
C GLU C 28 -24.85 -14.70 -25.59
N ASP C 29 -24.56 -13.99 -24.51
CA ASP C 29 -23.49 -12.99 -24.49
C ASP C 29 -22.14 -13.55 -24.99
N LEU C 30 -21.74 -14.71 -24.47
CA LEU C 30 -20.46 -15.30 -24.86
C LEU C 30 -20.37 -15.59 -26.37
N LEU C 31 -21.46 -16.14 -26.92
CA LEU C 31 -21.57 -16.44 -28.35
C LEU C 31 -21.78 -15.16 -29.17
N ARG C 32 -22.43 -14.15 -28.61
CA ARG C 32 -22.49 -12.82 -29.26
C ARG C 32 -21.09 -12.25 -29.54
N GLN C 33 -20.25 -12.23 -28.51
CA GLN C 33 -18.94 -11.56 -28.55
C GLN C 33 -17.88 -12.42 -29.17
N ARG C 34 -18.23 -13.52 -29.81
CA ARG C 34 -17.23 -14.32 -30.53
C ARG C 34 -16.56 -13.65 -31.72
N SER C 35 -17.27 -12.78 -32.43
CA SER C 35 -16.68 -12.04 -33.58
C SER C 35 -15.74 -10.90 -33.10
N ASN C 36 -15.92 -10.52 -31.84
CA ASN C 36 -15.13 -9.53 -31.11
C ASN C 36 -13.88 -10.23 -30.50
N ILE C 37 -12.75 -10.05 -31.16
CA ILE C 37 -11.48 -10.65 -30.86
C ILE C 37 -10.51 -9.47 -30.60
N PHE C 38 -9.56 -9.61 -29.65
CA PHE C 38 -8.65 -8.48 -29.28
C PHE C 38 -7.68 -8.22 -30.42
N SER C 39 -7.52 -6.94 -30.75
CA SER C 39 -6.57 -6.48 -31.78
C SER C 39 -5.13 -6.70 -31.40
N ARG C 40 -4.27 -6.63 -32.41
CA ARG C 40 -2.83 -6.71 -32.22
C ARG C 40 -2.40 -5.75 -31.11
N GLU C 41 -2.69 -4.45 -31.23
CA GLU C 41 -2.38 -3.52 -30.14
C GLU C 41 -2.86 -3.99 -28.78
N GLU C 42 -4.10 -4.43 -28.68
CA GLU C 42 -4.66 -4.77 -27.37
C GLU C 42 -3.96 -5.96 -26.71
N VAL C 43 -3.75 -7.03 -27.46
CA VAL C 43 -2.89 -8.14 -26.98
C VAL C 43 -1.60 -7.60 -26.32
N THR C 44 -0.85 -6.82 -27.08
CA THR C 44 0.33 -6.10 -26.61
C THR C 44 0.14 -5.19 -25.37
N GLY C 45 -1.02 -4.59 -25.23
CA GLY C 45 -1.35 -3.89 -23.99
C GLY C 45 -1.37 -4.80 -22.78
N TYR C 46 -1.92 -6.00 -22.96
CA TYR C 46 -2.05 -6.96 -21.85
C TYR C 46 -0.66 -7.61 -21.59
N GLN C 47 0.03 -7.97 -22.67
CA GLN C 47 1.36 -8.53 -22.50
C GLN C 47 2.27 -7.62 -21.72
N ARG C 48 2.28 -6.33 -22.06
CA ARG C 48 3.10 -5.38 -21.33
C ARG C 48 2.72 -5.15 -19.82
N LYS C 49 1.62 -5.68 -19.33
CA LYS C 49 1.30 -5.42 -17.92
C LYS C 49 2.21 -6.22 -17.01
N SER C 50 2.39 -5.74 -15.78
CA SER C 50 3.14 -6.52 -14.85
C SER C 50 2.39 -7.85 -14.63
N MET C 51 3.09 -8.81 -13.99
CA MET C 51 2.49 -10.04 -13.52
C MET C 51 1.55 -9.75 -12.37
N TRP C 52 1.84 -8.66 -11.65
CA TRP C 52 1.02 -8.26 -10.51
C TRP C 52 -0.23 -7.52 -10.91
N GLU C 53 -0.25 -6.71 -11.95
CA GLU C 53 -1.54 -6.10 -12.33
C GLU C 53 -2.45 -7.23 -12.85
N MET C 54 -1.96 -8.04 -13.80
CA MET C 54 -2.72 -9.20 -14.29
C MET C 54 -3.20 -10.18 -13.21
N TRP C 55 -2.38 -10.45 -12.20
CA TRP C 55 -2.82 -11.34 -11.12
C TRP C 55 -3.99 -10.69 -10.42
N GLU C 56 -3.89 -9.40 -10.15
CA GLU C 56 -4.94 -8.70 -9.43
C GLU C 56 -6.27 -8.81 -10.17
N ARG C 57 -6.33 -8.39 -11.43
CA ARG C 57 -7.50 -8.60 -12.28
C ARG C 57 -7.96 -10.07 -12.28
N CYS C 58 -7.04 -10.97 -12.57
CA CYS C 58 -7.40 -12.38 -12.68
C CYS C 58 -7.99 -12.90 -11.36
N ALA C 59 -7.44 -12.49 -10.22
CA ALA C 59 -7.99 -12.90 -8.91
C ALA C 59 -9.37 -12.29 -8.67
N HIS C 60 -9.58 -11.05 -9.12
CA HIS C 60 -10.89 -10.39 -9.01
C HIS C 60 -11.93 -11.34 -9.65
N HIS C 61 -11.75 -11.58 -10.96
CA HIS C 61 -12.68 -12.38 -11.77
C HIS C 61 -12.91 -13.76 -11.16
N LEU C 62 -11.84 -14.34 -10.62
CA LEU C 62 -11.87 -15.69 -10.11
C LEU C 62 -12.53 -15.81 -8.75
N THR C 63 -12.40 -14.75 -7.97
CA THR C 63 -13.11 -14.59 -6.70
C THR C 63 -14.61 -14.41 -6.93
N GLU C 64 -14.96 -13.62 -7.94
CA GLU C 64 -16.35 -13.40 -8.31
C GLU C 64 -17.00 -14.72 -8.80
N ALA C 65 -16.24 -15.48 -9.55
CA ALA C 65 -16.75 -16.68 -10.14
C ALA C 65 -16.93 -17.75 -9.08
N ILE C 66 -16.09 -17.73 -8.04
CA ILE C 66 -16.28 -18.65 -6.91
C ILE C 66 -17.47 -18.17 -6.10
N GLN C 67 -17.72 -16.88 -5.98
CA GLN C 67 -18.93 -16.46 -5.29
C GLN C 67 -20.04 -17.19 -5.96
N TYR C 68 -20.04 -17.13 -7.26
CA TYR C 68 -21.18 -17.67 -7.98
C TYR C 68 -21.35 -19.20 -7.82
N VAL C 69 -20.22 -19.89 -7.81
CA VAL C 69 -20.18 -21.31 -7.65
C VAL C 69 -20.75 -21.60 -6.27
N VAL C 70 -20.40 -20.77 -5.27
CA VAL C 70 -20.96 -20.92 -3.95
C VAL C 70 -22.47 -20.78 -4.00
N GLU C 71 -22.97 -19.82 -4.78
CA GLU C 71 -24.39 -19.62 -4.94
C GLU C 71 -25.07 -20.83 -5.58
N PHE C 72 -24.47 -21.32 -6.66
CA PHE C 72 -25.00 -22.47 -7.33
C PHE C 72 -25.30 -23.53 -6.32
N ALA C 73 -24.31 -23.78 -5.48
CA ALA C 73 -24.25 -24.92 -4.63
C ALA C 73 -25.20 -24.72 -3.47
N LYS C 74 -25.26 -23.48 -3.00
CA LYS C 74 -26.26 -23.10 -2.01
C LYS C 74 -27.67 -23.47 -2.49
N ARG C 75 -27.99 -23.16 -3.74
CA ARG C 75 -29.35 -23.43 -4.28
C ARG C 75 -29.64 -24.90 -4.66
N LEU C 76 -28.69 -25.84 -4.41
CA LEU C 76 -28.91 -27.25 -4.78
C LEU C 76 -29.76 -27.91 -3.70
N SER C 77 -30.66 -28.78 -4.14
CA SER C 77 -31.47 -29.60 -3.22
C SER C 77 -30.56 -30.28 -2.24
N GLY C 78 -30.80 -30.05 -0.95
CA GLY C 78 -30.08 -30.80 0.09
C GLY C 78 -28.71 -30.32 0.57
N PHE C 79 -28.10 -29.38 -0.15
CA PHE C 79 -26.78 -28.82 0.20
C PHE C 79 -26.82 -28.05 1.51
N MET C 80 -27.83 -27.20 1.68
CA MET C 80 -28.02 -26.44 2.94
C MET C 80 -28.31 -27.33 4.16
N GLU C 81 -29.01 -28.43 3.88
CA GLU C 81 -29.35 -29.42 4.84
C GLU C 81 -28.04 -30.01 5.40
N LEU C 82 -27.02 -30.18 4.56
CA LEU C 82 -25.69 -30.63 4.99
C LEU C 82 -25.10 -29.72 6.04
N CYS C 83 -24.50 -30.29 7.07
CA CYS C 83 -23.87 -29.44 8.08
C CYS C 83 -22.82 -28.47 7.50
N GLN C 84 -22.70 -27.30 8.14
CA GLN C 84 -21.75 -26.23 7.76
C GLN C 84 -20.34 -26.77 7.43
N ASN C 85 -19.79 -27.67 8.23
CA ASN C 85 -18.43 -28.17 7.91
C ASN C 85 -18.39 -28.91 6.59
N ASP C 86 -19.43 -29.74 6.33
CA ASP C 86 -19.51 -30.46 5.07
C ASP C 86 -19.61 -29.41 3.94
N GLN C 87 -20.52 -28.47 4.07
CA GLN C 87 -20.60 -27.44 3.04
C GLN C 87 -19.20 -26.87 2.63
N ILE C 88 -18.38 -26.50 3.62
CA ILE C 88 -17.05 -25.95 3.42
C ILE C 88 -16.11 -26.97 2.74
N VAL C 89 -16.09 -28.19 3.22
CA VAL C 89 -15.26 -29.21 2.61
C VAL C 89 -15.65 -29.48 1.19
N LEU C 90 -16.93 -29.43 0.86
CA LEU C 90 -17.34 -29.62 -0.56
C LEU C 90 -16.87 -28.48 -1.46
N LEU C 91 -17.11 -27.25 -1.03
CA LEU C 91 -16.73 -26.08 -1.83
C LEU C 91 -15.22 -25.89 -1.91
N LYS C 92 -14.50 -26.16 -0.81
CA LYS C 92 -13.03 -26.09 -0.77
C LYS C 92 -12.41 -27.05 -1.81
N ALA C 93 -12.84 -28.30 -1.76
CA ALA C 93 -12.37 -29.33 -2.70
C ALA C 93 -12.80 -29.07 -4.11
N GLY C 94 -14.04 -28.59 -4.30
CA GLY C 94 -14.63 -28.56 -5.64
C GLY C 94 -14.89 -27.31 -6.44
N ALA C 95 -14.95 -26.16 -5.80
CA ALA C 95 -15.35 -24.90 -6.47
C ALA C 95 -14.48 -24.50 -7.66
N MET C 96 -13.22 -24.85 -7.54
CA MET C 96 -12.22 -24.41 -8.45
C MET C 96 -12.26 -25.28 -9.66
N GLU C 97 -12.52 -26.56 -9.41
CA GLU C 97 -12.70 -27.55 -10.48
C GLU C 97 -13.82 -27.08 -11.36
N VAL C 98 -14.93 -26.69 -10.72
CA VAL C 98 -16.11 -26.19 -11.41
C VAL C 98 -15.79 -24.95 -12.24
N VAL C 99 -15.25 -23.88 -11.64
CA VAL C 99 -14.74 -22.75 -12.43
C VAL C 99 -14.01 -23.28 -13.69
N LEU C 100 -13.01 -24.16 -13.55
CA LEU C 100 -12.32 -24.66 -14.73
C LEU C 100 -13.35 -25.23 -15.70
N VAL C 101 -14.27 -26.07 -15.25
CA VAL C 101 -15.30 -26.67 -16.14
C VAL C 101 -16.18 -25.61 -16.83
N ARG C 102 -16.68 -24.67 -16.03
CA ARG C 102 -17.44 -23.51 -16.55
C ARG C 102 -16.63 -22.66 -17.52
N MET C 103 -15.32 -22.78 -17.50
CA MET C 103 -14.49 -22.09 -18.48
C MET C 103 -14.77 -22.46 -19.93
N CYS C 104 -15.11 -23.72 -20.22
CA CYS C 104 -15.25 -24.12 -21.63
C CYS C 104 -16.32 -23.36 -22.34
N ARG C 105 -17.34 -22.96 -21.60
CA ARG C 105 -18.41 -22.16 -22.17
C ARG C 105 -17.95 -20.89 -22.82
N ALA C 106 -16.75 -20.43 -22.52
CA ALA C 106 -16.23 -19.19 -23.05
C ALA C 106 -15.09 -19.42 -24.02
N TYR C 107 -14.92 -20.67 -24.47
CA TYR C 107 -13.79 -21.04 -25.32
C TYR C 107 -14.30 -21.24 -26.72
N ASN C 108 -13.44 -20.94 -27.69
CA ASN C 108 -13.77 -21.12 -29.09
C ASN C 108 -12.69 -21.95 -29.71
N ALA C 109 -13.06 -23.16 -30.16
CA ALA C 109 -12.10 -24.03 -30.81
C ALA C 109 -11.83 -23.58 -32.26
N ASP C 110 -12.78 -22.87 -32.89
CA ASP C 110 -12.61 -22.37 -34.27
C ASP C 110 -11.31 -21.56 -34.46
N ASN C 111 -10.89 -20.82 -33.43
CA ASN C 111 -9.63 -20.05 -33.46
C ASN C 111 -8.72 -20.11 -32.21
N ARG C 112 -9.04 -20.96 -31.24
CA ARG C 112 -8.26 -21.10 -30.00
C ARG C 112 -8.24 -19.87 -29.06
N THR C 113 -9.33 -19.12 -29.07
CA THR C 113 -9.48 -17.99 -28.22
C THR C 113 -10.45 -18.24 -27.05
N VAL C 114 -10.38 -17.31 -26.10
CA VAL C 114 -11.18 -17.34 -24.90
C VAL C 114 -11.68 -15.93 -24.72
N PHE C 115 -12.88 -15.80 -24.17
CA PHE C 115 -13.40 -14.52 -23.67
C PHE C 115 -12.69 -14.11 -22.38
N PHE C 116 -12.07 -12.91 -22.39
CA PHE C 116 -11.50 -12.28 -21.18
C PHE C 116 -11.76 -10.77 -21.22
N GLU C 117 -12.59 -10.28 -20.32
CA GLU C 117 -12.87 -8.84 -20.19
C GLU C 117 -13.37 -8.18 -21.48
N GLY C 118 -14.52 -8.65 -21.98
CA GLY C 118 -15.23 -8.06 -23.08
C GLY C 118 -14.92 -8.67 -24.42
N LYS C 119 -13.87 -9.48 -24.57
CA LYS C 119 -13.52 -9.99 -25.90
C LYS C 119 -12.72 -11.29 -25.85
N TYR C 120 -12.56 -11.86 -27.04
CA TYR C 120 -11.85 -13.07 -27.24
C TYR C 120 -10.34 -12.85 -27.54
N GLY C 121 -9.48 -13.60 -26.85
CA GLY C 121 -8.07 -13.59 -27.15
C GLY C 121 -7.45 -14.95 -26.97
N GLY C 122 -6.28 -15.13 -27.59
CA GLY C 122 -5.54 -16.39 -27.56
C GLY C 122 -4.79 -16.56 -26.27
N MET C 123 -4.11 -17.69 -26.12
CA MET C 123 -3.32 -18.01 -24.92
C MET C 123 -2.32 -16.86 -24.53
N GLU C 124 -1.66 -16.35 -25.57
CA GLU C 124 -0.62 -15.34 -25.47
C GLU C 124 -1.08 -14.07 -24.82
N LEU C 125 -2.38 -13.82 -24.78
CA LEU C 125 -2.89 -12.72 -24.00
C LEU C 125 -2.32 -12.69 -22.58
N PHE C 126 -2.08 -13.85 -21.97
CA PHE C 126 -1.75 -13.97 -20.56
C PHE C 126 -0.23 -14.07 -20.34
N ARG C 127 0.57 -13.70 -21.35
CA ARG C 127 2.04 -13.72 -21.21
C ARG C 127 2.56 -13.17 -19.88
N ALA C 128 2.30 -11.89 -19.59
CA ALA C 128 2.77 -11.32 -18.35
C ALA C 128 2.84 -12.34 -17.18
N LEU C 129 1.81 -13.16 -16.97
CA LEU C 129 1.81 -14.18 -15.87
C LEU C 129 2.97 -15.16 -15.86
N GLY C 130 3.58 -15.41 -17.01
CA GLY C 130 4.64 -16.40 -17.07
C GLY C 130 4.17 -17.70 -16.45
N CYS C 131 3.03 -18.23 -16.90
CA CYS C 131 2.76 -19.64 -16.77
C CYS C 131 1.92 -20.20 -17.95
N SER C 132 2.63 -20.36 -19.07
CA SER C 132 2.16 -21.09 -20.21
C SER C 132 1.76 -22.53 -19.89
N GLU C 133 2.60 -23.26 -19.17
CA GLU C 133 2.47 -24.72 -19.16
C GLU C 133 0.98 -24.93 -18.80
N LEU C 134 0.62 -24.48 -17.58
CA LEU C 134 -0.75 -24.26 -17.15
C LEU C 134 -1.73 -23.60 -18.14
N ILE C 135 -1.57 -22.32 -18.51
CA ILE C 135 -2.59 -21.69 -19.31
C ILE C 135 -2.92 -22.64 -20.42
N SER C 136 -1.87 -23.17 -21.00
CA SER C 136 -1.94 -24.09 -22.10
C SER C 136 -2.72 -25.35 -21.80
N SER C 137 -2.53 -25.96 -20.62
CA SER C 137 -3.34 -27.12 -20.22
C SER C 137 -4.80 -26.76 -20.34
N ILE C 138 -5.13 -25.63 -19.72
CA ILE C 138 -6.51 -25.23 -19.67
C ILE C 138 -7.09 -25.08 -21.07
N PHE C 139 -6.38 -24.42 -21.98
CA PHE C 139 -6.83 -24.34 -23.37
C PHE C 139 -7.06 -25.71 -23.98
N ASP C 140 -6.21 -26.67 -23.70
CA ASP C 140 -6.40 -28.04 -24.22
C ASP C 140 -7.52 -28.82 -23.56
N PHE C 141 -7.65 -28.67 -22.24
CA PHE C 141 -8.81 -29.18 -21.53
C PHE C 141 -10.10 -28.61 -22.12
N SER C 142 -10.19 -27.27 -22.10
CA SER C 142 -11.36 -26.53 -22.53
C SER C 142 -11.80 -26.95 -23.94
N HIS C 143 -10.81 -27.24 -24.79
CA HIS C 143 -10.94 -27.73 -26.17
C HIS C 143 -11.57 -29.05 -26.21
N SER C 144 -11.12 -29.97 -25.37
CA SER C 144 -11.72 -31.30 -25.28
C SER C 144 -13.20 -31.28 -24.97
N LEU C 145 -13.65 -30.31 -24.19
CA LEU C 145 -15.06 -30.27 -23.78
C LEU C 145 -15.91 -29.70 -24.85
N SER C 146 -15.49 -28.58 -25.42
CA SER C 146 -16.22 -27.94 -26.51
C SER C 146 -16.43 -28.96 -27.62
N ALA C 147 -15.43 -29.80 -27.87
CA ALA C 147 -15.61 -31.00 -28.67
C ALA C 147 -17.01 -31.58 -28.51
N LEU C 148 -17.37 -31.89 -27.26
CA LEU C 148 -18.60 -32.58 -26.87
C LEU C 148 -19.89 -31.74 -26.97
N HIS C 149 -19.78 -30.44 -27.22
CA HIS C 149 -20.93 -29.53 -27.40
C HIS C 149 -21.92 -29.53 -26.21
N PHE C 150 -21.34 -29.63 -25.03
CA PHE C 150 -22.03 -29.63 -23.79
C PHE C 150 -23.07 -28.56 -23.71
N SER C 151 -24.29 -28.93 -23.47
CA SER C 151 -25.34 -27.94 -23.28
C SER C 151 -25.26 -27.41 -21.87
N GLU C 152 -25.95 -26.31 -21.67
CA GLU C 152 -26.01 -25.66 -20.34
C GLU C 152 -26.45 -26.58 -19.25
N ASP C 153 -27.40 -27.49 -19.49
CA ASP C 153 -27.91 -28.30 -18.41
C ASP C 153 -27.03 -29.51 -18.16
N GLU C 154 -26.50 -30.01 -19.27
CA GLU C 154 -25.47 -31.03 -19.20
C GLU C 154 -24.34 -30.59 -18.29
N ILE C 155 -23.91 -29.34 -18.48
CA ILE C 155 -22.88 -28.72 -17.64
C ILE C 155 -23.35 -28.50 -16.24
N ALA C 156 -24.58 -28.04 -16.12
CA ALA C 156 -25.19 -27.78 -14.82
C ALA C 156 -25.17 -29.05 -13.95
N LEU C 157 -25.64 -30.15 -14.49
CA LEU C 157 -25.72 -31.38 -13.73
C LEU C 157 -24.32 -31.94 -13.42
N TYR C 158 -23.41 -31.80 -14.39
CA TYR C 158 -22.07 -32.33 -14.25
C TYR C 158 -21.31 -31.55 -13.21
N THR C 159 -21.43 -30.24 -13.25
CA THR C 159 -20.78 -29.46 -12.19
C THR C 159 -21.42 -29.83 -10.86
N ALA C 160 -22.72 -30.13 -10.82
CA ALA C 160 -23.30 -30.62 -9.57
C ALA C 160 -22.60 -31.87 -9.05
N LEU C 161 -22.23 -32.74 -9.96
CA LEU C 161 -21.55 -34.00 -9.62
C LEU C 161 -20.07 -33.81 -9.17
N VAL C 162 -19.46 -32.73 -9.64
CA VAL C 162 -18.17 -32.32 -9.11
C VAL C 162 -18.31 -31.86 -7.64
N LEU C 163 -19.17 -30.87 -7.35
CA LEU C 163 -19.33 -30.45 -5.97
C LEU C 163 -19.87 -31.48 -5.02
N ILE C 164 -20.66 -32.45 -5.48
CA ILE C 164 -21.20 -33.43 -4.58
C ILE C 164 -20.60 -34.80 -4.72
N ASN C 165 -19.54 -34.96 -3.92
CA ASN C 165 -18.71 -36.11 -3.92
C ASN C 165 -18.53 -36.44 -2.48
N ALA C 166 -19.05 -37.58 -2.06
CA ALA C 166 -18.95 -38.04 -0.65
C ALA C 166 -17.57 -38.66 -0.27
N HIS C 167 -16.74 -38.94 -1.26
CA HIS C 167 -15.36 -39.36 -1.07
C HIS C 167 -14.40 -38.25 -0.60
N ARG C 168 -14.84 -36.99 -0.43
CA ARG C 168 -13.89 -35.91 -0.10
C ARG C 168 -13.39 -36.09 1.33
N PRO C 169 -12.08 -36.29 1.52
CA PRO C 169 -11.64 -36.34 2.90
C PRO C 169 -12.13 -35.14 3.73
N GLY C 170 -12.64 -35.43 4.92
CA GLY C 170 -13.05 -34.39 5.87
C GLY C 170 -14.54 -34.42 6.25
N LEU C 171 -15.37 -35.15 5.53
CA LEU C 171 -16.80 -34.95 5.68
C LEU C 171 -17.23 -35.58 6.96
N GLN C 172 -18.02 -34.86 7.74
CA GLN C 172 -18.48 -35.44 8.97
C GLN C 172 -19.73 -36.30 8.74
N GLU C 173 -20.72 -35.79 8.02
CA GLU C 173 -21.90 -36.60 7.68
C GLU C 173 -21.78 -37.21 6.30
N LYS C 174 -20.73 -37.97 6.07
CA LYS C 174 -20.55 -38.67 4.80
C LYS C 174 -21.82 -39.36 4.21
N ARG C 175 -22.66 -39.94 5.05
CA ARG C 175 -23.85 -40.65 4.58
C ARG C 175 -24.89 -39.77 3.95
N LYS C 176 -24.90 -38.51 4.36
CA LYS C 176 -25.78 -37.53 3.76
C LYS C 176 -25.31 -37.04 2.40
N VAL C 177 -23.99 -37.06 2.15
CA VAL C 177 -23.45 -36.62 0.88
C VAL C 177 -23.69 -37.64 -0.23
N GLU C 178 -23.46 -38.91 0.09
CA GLU C 178 -23.83 -40.09 -0.72
C GLU C 178 -25.27 -40.00 -1.21
N GLN C 179 -26.19 -39.75 -0.30
CA GLN C 179 -27.58 -39.56 -0.64
C GLN C 179 -27.76 -38.52 -1.76
N LEU C 180 -27.25 -37.34 -1.54
CA LEU C 180 -27.31 -36.32 -2.51
C LEU C 180 -26.54 -36.71 -3.76
N GLN C 181 -25.40 -37.34 -3.62
CA GLN C 181 -24.62 -37.68 -4.76
C GLN C 181 -25.44 -38.55 -5.72
N TYR C 182 -26.00 -39.63 -5.16
CA TYR C 182 -26.58 -40.67 -5.93
C TYR C 182 -27.80 -40.19 -6.66
N ASN C 183 -28.66 -39.42 -6.03
CA ASN C 183 -29.77 -38.88 -6.76
C ASN C 183 -29.31 -38.05 -7.93
N LEU C 184 -28.21 -37.30 -7.76
CA LEU C 184 -27.69 -36.46 -8.85
C LEU C 184 -27.06 -37.30 -9.94
N GLU C 185 -26.65 -38.51 -9.64
CA GLU C 185 -26.11 -39.36 -10.71
C GLU C 185 -27.26 -39.92 -11.53
N LEU C 186 -28.34 -40.24 -10.84
CA LEU C 186 -29.55 -40.64 -11.46
C LEU C 186 -30.13 -39.56 -12.32
N ALA C 187 -30.27 -38.39 -11.76
CA ALA C 187 -30.67 -37.18 -12.47
C ALA C 187 -29.90 -36.93 -13.78
N PHE C 188 -28.58 -37.01 -13.72
CA PHE C 188 -27.75 -36.73 -14.87
C PHE C 188 -27.99 -37.84 -15.88
N HIS C 189 -27.80 -39.09 -15.47
CA HIS C 189 -28.11 -40.28 -16.34
C HIS C 189 -29.49 -40.22 -17.00
N HIS C 190 -30.51 -40.02 -16.17
CA HIS C 190 -31.90 -39.93 -16.60
C HIS C 190 -32.18 -38.77 -17.56
N HIS C 191 -31.61 -37.61 -17.29
CA HIS C 191 -31.75 -36.48 -18.21
C HIS C 191 -31.11 -36.80 -19.54
N LEU C 192 -29.92 -37.39 -19.52
CA LEU C 192 -29.26 -37.79 -20.76
C LEU C 192 -30.12 -38.78 -21.59
N CYS C 193 -30.77 -39.74 -20.97
CA CYS C 193 -31.63 -40.65 -21.71
C CYS C 193 -32.77 -39.79 -22.30
N LYS C 194 -33.40 -38.94 -21.51
CA LYS C 194 -34.48 -38.09 -22.04
C LYS C 194 -34.00 -37.34 -23.29
N THR C 195 -32.72 -36.97 -23.31
CA THR C 195 -32.16 -36.19 -24.39
C THR C 195 -31.33 -37.01 -25.40
N HIS C 196 -31.26 -38.32 -25.31
CA HIS C 196 -30.50 -39.08 -26.34
C HIS C 196 -29.01 -38.67 -26.35
N ARG C 197 -28.49 -38.46 -25.15
CA ARG C 197 -27.18 -37.93 -24.98
C ARG C 197 -26.28 -38.83 -24.17
N GLN C 198 -26.77 -40.03 -23.86
CA GLN C 198 -25.99 -41.12 -23.21
C GLN C 198 -24.53 -41.24 -23.71
N SER C 199 -24.28 -40.88 -24.97
CA SER C 199 -22.98 -41.01 -25.63
C SER C 199 -21.85 -40.28 -24.94
N ILE C 200 -22.13 -39.03 -24.57
CA ILE C 200 -21.14 -38.24 -23.89
C ILE C 200 -20.61 -38.91 -22.58
N LEU C 201 -21.45 -39.66 -21.83
CA LEU C 201 -21.00 -40.31 -20.58
C LEU C 201 -19.57 -40.87 -20.66
N ALA C 202 -19.28 -41.61 -21.72
CA ALA C 202 -17.94 -42.15 -21.99
C ALA C 202 -16.93 -41.11 -22.50
N LYS C 203 -17.42 -40.01 -23.07
CA LYS C 203 -16.57 -38.92 -23.54
C LYS C 203 -16.20 -37.87 -22.46
N LEU C 204 -16.52 -38.12 -21.17
CA LEU C 204 -16.30 -37.14 -20.11
C LEU C 204 -14.83 -37.13 -19.75
N PRO C 205 -14.38 -36.11 -19.01
CA PRO C 205 -12.96 -36.14 -18.66
C PRO C 205 -12.70 -37.11 -17.49
N PRO C 206 -11.71 -38.00 -17.68
CA PRO C 206 -11.34 -38.82 -16.51
C PRO C 206 -10.99 -37.92 -15.32
N LYS C 207 -11.83 -37.99 -14.29
CA LYS C 207 -11.72 -37.17 -13.04
C LYS C 207 -10.31 -37.06 -12.41
N GLY C 208 -9.36 -37.88 -12.83
CA GLY C 208 -7.95 -37.60 -12.61
C GLY C 208 -7.53 -36.27 -13.23
N LYS C 209 -7.73 -36.16 -14.55
CA LYS C 209 -7.36 -34.97 -15.37
C LYS C 209 -7.96 -33.64 -14.89
N LEU C 210 -9.15 -33.69 -14.32
CA LEU C 210 -9.79 -32.50 -13.73
C LEU C 210 -9.06 -32.07 -12.41
N ARG C 211 -8.79 -33.04 -11.52
CA ARG C 211 -8.15 -32.80 -10.18
C ARG C 211 -6.70 -32.33 -10.24
N SER C 212 -5.89 -32.92 -11.11
CA SER C 212 -4.47 -32.50 -11.31
C SER C 212 -4.28 -31.08 -11.83
N LEU C 213 -5.12 -30.71 -12.77
CA LEU C 213 -5.19 -29.36 -13.33
C LEU C 213 -5.73 -28.36 -12.32
N CYS C 214 -6.77 -28.75 -11.56
CA CYS C 214 -7.21 -27.94 -10.42
C CYS C 214 -6.04 -27.73 -9.45
N SER C 215 -5.33 -28.81 -9.15
CA SER C 215 -4.22 -28.80 -8.22
C SER C 215 -3.02 -27.94 -8.70
N GLN C 216 -2.66 -28.08 -9.96
CA GLN C 216 -1.65 -27.20 -10.60
C GLN C 216 -2.04 -25.70 -10.60
N HIS C 217 -3.32 -25.42 -10.90
CA HIS C 217 -3.94 -24.07 -10.92
C HIS C 217 -3.93 -23.46 -9.51
N VAL C 218 -4.42 -24.23 -8.53
CA VAL C 218 -4.58 -23.80 -7.13
C VAL C 218 -3.23 -23.32 -6.56
N GLU C 219 -2.12 -23.81 -7.11
CA GLU C 219 -0.81 -23.35 -6.65
C GLU C 219 -0.78 -21.88 -7.10
N ARG C 220 -1.58 -21.06 -6.44
CA ARG C 220 -1.73 -19.65 -6.74
C ARG C 220 -1.27 -18.93 -5.49
N LEU C 221 -0.02 -18.53 -5.55
CA LEU C 221 0.63 -17.81 -4.50
C LEU C 221 2.14 -18.03 -4.65
N GLY D 1 25.88 -20.14 -1.64
CA GLY D 1 24.52 -20.41 -1.11
C GLY D 1 23.42 -19.56 -1.74
N SER D 2 23.29 -19.63 -3.06
CA SER D 2 22.30 -18.82 -3.84
C SER D 2 21.26 -19.60 -4.74
N ALA D 3 21.20 -20.93 -4.69
CA ALA D 3 20.39 -21.65 -5.68
C ALA D 3 19.53 -22.89 -5.43
N SER D 4 18.23 -22.69 -5.53
CA SER D 4 17.31 -23.66 -6.16
C SER D 4 16.66 -22.76 -7.18
N LEU D 5 15.76 -23.29 -7.97
CA LEU D 5 15.10 -22.49 -8.98
C LEU D 5 13.92 -21.76 -8.43
N THR D 6 13.41 -22.20 -7.29
CA THR D 6 12.19 -21.59 -6.76
C THR D 6 12.49 -20.28 -6.03
N GLU D 7 13.62 -20.23 -5.32
CA GLU D 7 14.10 -18.99 -4.72
C GLU D 7 14.22 -17.93 -5.82
N ILE D 8 14.59 -18.36 -7.01
CA ILE D 8 14.77 -17.43 -8.08
C ILE D 8 13.47 -16.93 -8.72
N GLU D 9 12.41 -17.72 -8.64
CA GLU D 9 11.12 -17.21 -9.06
C GLU D 9 10.63 -16.19 -8.07
N HIS D 10 11.04 -16.34 -6.80
CA HIS D 10 10.70 -15.39 -5.74
C HIS D 10 11.46 -14.09 -5.90
N LEU D 11 12.66 -14.18 -6.42
CA LEU D 11 13.47 -13.00 -6.68
C LEU D 11 12.88 -12.25 -7.88
N VAL D 12 12.33 -12.98 -8.84
CA VAL D 12 11.66 -12.33 -9.96
C VAL D 12 10.51 -11.53 -9.46
N GLN D 13 9.61 -12.24 -8.82
CA GLN D 13 8.36 -11.71 -8.38
C GLN D 13 8.62 -10.57 -7.44
N SER D 14 9.61 -10.72 -6.57
CA SER D 14 9.94 -9.66 -5.65
C SER D 14 10.44 -8.40 -6.36
N VAL D 15 11.48 -8.53 -7.19
CA VAL D 15 11.95 -7.43 -8.00
C VAL D 15 10.78 -6.76 -8.75
N CYS D 16 9.87 -7.53 -9.37
CA CYS D 16 8.72 -6.91 -10.10
C CYS D 16 7.77 -6.08 -9.26
N LYS D 17 7.66 -6.43 -7.99
CA LYS D 17 6.74 -5.86 -7.07
C LYS D 17 7.28 -4.52 -6.69
N SER D 18 8.59 -4.47 -6.38
CA SER D 18 9.30 -3.20 -6.17
C SER D 18 9.09 -2.31 -7.31
N TYR D 19 9.32 -2.81 -8.50
CA TYR D 19 9.06 -1.96 -9.65
C TYR D 19 7.63 -1.40 -9.66
N ARG D 20 6.67 -2.22 -9.30
CA ARG D 20 5.29 -1.81 -9.34
C ARG D 20 5.04 -0.66 -8.36
N GLU D 21 5.67 -0.74 -7.20
CA GLU D 21 5.45 0.24 -6.18
C GLU D 21 6.24 1.50 -6.43
N THR D 22 7.45 1.39 -6.98
CA THR D 22 8.27 2.55 -7.22
C THR D 22 8.24 3.13 -8.63
N CYS D 23 7.25 2.83 -9.46
CA CYS D 23 7.31 3.31 -10.88
C CYS D 23 7.00 4.80 -11.15
N GLN D 24 6.51 5.52 -10.11
CA GLN D 24 6.20 6.96 -10.18
C GLN D 24 4.95 7.20 -11.00
N LEU D 25 5.00 6.86 -12.29
CA LEU D 25 3.82 6.87 -13.13
C LEU D 25 3.44 5.44 -13.45
N ARG D 26 2.15 5.13 -13.19
CA ARG D 26 1.54 3.87 -13.54
C ARG D 26 1.41 3.79 -15.06
N LEU D 27 1.74 2.62 -15.62
CA LEU D 27 1.66 2.39 -17.08
C LEU D 27 0.26 2.59 -17.67
N GLU D 28 -0.78 2.42 -16.84
CA GLU D 28 -2.16 2.58 -17.32
C GLU D 28 -2.33 4.00 -17.84
N ASP D 29 -2.17 4.97 -16.96
CA ASP D 29 -2.30 6.38 -17.29
C ASP D 29 -1.46 6.74 -18.51
N LEU D 30 -0.14 6.55 -18.42
CA LEU D 30 0.69 6.87 -19.54
C LEU D 30 -0.04 6.55 -20.82
N LEU D 31 -0.49 5.30 -20.92
CA LEU D 31 -1.22 4.83 -22.09
C LEU D 31 -2.59 5.49 -22.25
N ARG D 32 -3.24 5.79 -21.14
CA ARG D 32 -4.52 6.50 -21.21
C ARG D 32 -4.28 7.89 -21.79
N GLN D 33 -3.52 8.73 -21.08
CA GLN D 33 -3.34 10.12 -21.49
C GLN D 33 -2.68 10.32 -22.86
N ARG D 34 -2.25 9.27 -23.57
CA ARG D 34 -1.59 9.46 -24.90
C ARG D 34 -2.40 10.18 -25.96
N SER D 35 -3.72 10.23 -25.81
CA SER D 35 -4.61 10.99 -26.71
C SER D 35 -4.48 12.47 -26.43
N ASN D 36 -4.23 12.79 -25.16
CA ASN D 36 -4.21 14.16 -24.68
C ASN D 36 -2.85 14.88 -24.89
N ILE D 37 -2.68 15.37 -26.13
CA ILE D 37 -1.48 16.10 -26.56
C ILE D 37 -1.62 17.57 -26.11
N PHE D 38 -0.50 18.30 -26.04
CA PHE D 38 -0.44 19.72 -25.64
C PHE D 38 -0.76 20.56 -26.84
N SER D 39 -1.48 21.67 -26.64
CA SER D 39 -1.81 22.56 -27.78
C SER D 39 -0.62 23.34 -28.22
N ARG D 40 -0.65 23.79 -29.46
CA ARG D 40 0.25 24.84 -29.97
C ARG D 40 0.45 26.01 -29.00
N GLU D 41 -0.63 26.54 -28.42
CA GLU D 41 -0.48 27.56 -27.39
C GLU D 41 0.21 27.03 -26.12
N GLU D 42 -0.03 25.78 -25.73
CA GLU D 42 0.68 25.26 -24.54
C GLU D 42 2.18 25.07 -24.79
N VAL D 43 2.54 24.64 -25.98
CA VAL D 43 3.94 24.50 -26.38
C VAL D 43 4.60 25.89 -26.33
N THR D 44 4.03 26.81 -27.06
CA THR D 44 4.49 28.16 -26.96
C THR D 44 4.76 28.62 -25.50
N GLY D 45 3.81 28.39 -24.61
CA GLY D 45 4.01 28.72 -23.20
C GLY D 45 5.28 28.09 -22.68
N TYR D 46 5.45 26.81 -22.95
CA TYR D 46 6.64 26.08 -22.56
C TYR D 46 7.90 26.66 -23.18
N GLN D 47 7.85 27.06 -24.45
CA GLN D 47 9.06 27.58 -25.12
C GLN D 47 9.48 28.97 -24.65
N ARG D 48 8.52 29.73 -24.16
CA ARG D 48 8.71 31.13 -23.78
C ARG D 48 9.31 31.23 -22.42
N LYS D 49 9.16 30.21 -21.62
CA LYS D 49 9.75 30.21 -20.31
C LYS D 49 11.25 30.29 -20.41
N SER D 50 11.79 30.87 -19.38
CA SER D 50 13.23 30.94 -19.24
C SER D 50 13.86 29.53 -19.08
N MET D 51 15.03 29.29 -19.67
CA MET D 51 15.85 28.11 -19.32
C MET D 51 15.83 27.73 -17.83
N TRP D 52 15.90 28.72 -16.97
CA TRP D 52 15.94 28.51 -15.54
C TRP D 52 14.60 28.04 -15.01
N GLU D 53 13.49 28.52 -15.55
CA GLU D 53 12.19 28.05 -15.00
C GLU D 53 12.06 26.58 -15.37
N MET D 54 12.32 26.29 -16.64
CA MET D 54 12.35 24.93 -17.13
C MET D 54 13.35 24.07 -16.40
N TRP D 55 14.49 24.65 -16.04
CA TRP D 55 15.45 23.90 -15.25
C TRP D 55 14.80 23.54 -13.93
N GLU D 56 14.23 24.52 -13.21
CA GLU D 56 13.60 24.27 -11.90
C GLU D 56 12.47 23.26 -11.93
N ARG D 57 11.63 23.34 -12.93
CA ARG D 57 10.65 22.31 -13.18
C ARG D 57 11.30 20.92 -13.38
N CYS D 58 12.20 20.81 -14.35
CA CYS D 58 12.80 19.48 -14.67
C CYS D 58 13.65 18.91 -13.52
N ALA D 59 14.16 19.77 -12.66
CA ALA D 59 15.01 19.36 -11.58
C ALA D 59 14.10 18.79 -10.54
N HIS D 60 12.96 19.46 -10.35
CA HIS D 60 12.03 18.98 -9.35
C HIS D 60 11.63 17.53 -9.75
N HIS D 61 11.13 17.38 -10.97
CA HIS D 61 10.75 16.10 -11.48
C HIS D 61 11.84 15.02 -11.37
N LEU D 62 13.06 15.38 -11.70
CA LEU D 62 14.12 14.42 -11.80
C LEU D 62 14.62 13.87 -10.44
N THR D 63 14.71 14.78 -9.47
CA THR D 63 14.89 14.51 -8.05
C THR D 63 13.90 13.51 -7.46
N GLU D 64 12.67 13.61 -7.94
CA GLU D 64 11.56 12.77 -7.48
C GLU D 64 11.77 11.39 -8.08
N ALA D 65 12.18 11.37 -9.35
CA ALA D 65 12.38 10.16 -10.06
C ALA D 65 13.47 9.38 -9.35
N ILE D 66 14.50 10.10 -8.93
CA ILE D 66 15.63 9.49 -8.27
C ILE D 66 15.20 8.91 -6.92
N GLN D 67 14.34 9.62 -6.16
CA GLN D 67 13.71 9.05 -4.92
C GLN D 67 13.08 7.66 -5.13
N TYR D 68 12.27 7.63 -6.18
CA TYR D 68 11.66 6.43 -6.65
C TYR D 68 12.66 5.32 -6.97
N VAL D 69 13.74 5.64 -7.66
CA VAL D 69 14.77 4.66 -7.99
C VAL D 69 15.55 4.15 -6.78
N VAL D 70 15.70 5.01 -5.76
CA VAL D 70 16.38 4.64 -4.53
C VAL D 70 15.45 3.63 -3.86
N GLU D 71 14.12 3.95 -3.83
CA GLU D 71 13.17 3.15 -3.08
C GLU D 71 13.14 1.74 -3.71
N PHE D 72 12.98 1.73 -5.05
CA PHE D 72 13.12 0.55 -5.83
C PHE D 72 14.29 -0.30 -5.30
N ALA D 73 15.50 0.25 -5.29
CA ALA D 73 16.68 -0.53 -4.89
C ALA D 73 16.60 -1.00 -3.43
N LYS D 74 16.11 -0.11 -2.56
CA LYS D 74 16.05 -0.39 -1.13
C LYS D 74 15.26 -1.63 -0.82
N ARG D 75 14.34 -1.96 -1.72
CA ARG D 75 13.54 -3.19 -1.65
C ARG D 75 14.14 -4.38 -2.34
N LEU D 76 15.05 -4.19 -3.29
CA LEU D 76 15.65 -5.31 -4.02
C LEU D 76 16.42 -6.21 -3.02
N SER D 77 15.84 -7.38 -2.75
CA SER D 77 16.38 -8.37 -1.80
C SER D 77 17.88 -8.42 -1.84
N GLY D 78 18.54 -8.26 -0.71
CA GLY D 78 20.01 -8.28 -0.68
C GLY D 78 20.59 -6.89 -0.56
N PHE D 79 20.08 -5.93 -1.35
CA PHE D 79 20.63 -4.56 -1.48
C PHE D 79 20.92 -3.82 -0.14
N MET D 80 20.01 -3.93 0.81
CA MET D 80 20.20 -3.30 2.13
C MET D 80 21.31 -4.01 2.92
N GLU D 81 21.44 -5.31 2.67
CA GLU D 81 22.34 -6.16 3.37
C GLU D 81 23.75 -5.86 2.95
N LEU D 82 23.95 -5.23 1.81
CA LEU D 82 25.24 -4.60 1.43
C LEU D 82 25.67 -3.54 2.41
N CYS D 83 26.93 -3.11 2.30
CA CYS D 83 27.44 -1.98 3.12
C CYS D 83 27.00 -0.68 2.50
N GLN D 84 27.08 0.36 3.33
CA GLN D 84 26.51 1.70 2.99
C GLN D 84 27.33 2.39 1.92
N ASN D 85 28.65 2.22 1.95
CA ASN D 85 29.46 2.73 0.86
C ASN D 85 29.06 2.13 -0.48
N ASP D 86 28.69 0.84 -0.48
CA ASP D 86 28.42 0.15 -1.76
C ASP D 86 27.07 0.54 -2.32
N GLN D 87 26.11 0.63 -1.42
CA GLN D 87 24.83 1.18 -1.77
C GLN D 87 25.00 2.56 -2.45
N ILE D 88 25.76 3.45 -1.82
CA ILE D 88 25.93 4.81 -2.38
C ILE D 88 26.56 4.71 -3.73
N VAL D 89 27.72 4.06 -3.81
CA VAL D 89 28.38 3.76 -5.11
C VAL D 89 27.45 3.20 -6.21
N LEU D 90 26.62 2.20 -5.89
CA LEU D 90 25.67 1.64 -6.90
C LEU D 90 24.57 2.63 -7.28
N LEU D 91 24.04 3.43 -6.36
CA LEU D 91 23.05 4.44 -6.78
C LEU D 91 23.67 5.70 -7.44
N LYS D 92 24.86 6.10 -7.02
CA LYS D 92 25.60 7.20 -7.68
C LYS D 92 25.77 6.96 -9.20
N ALA D 93 26.29 5.80 -9.58
CA ALA D 93 26.43 5.48 -11.03
C ALA D 93 25.11 5.06 -11.71
N GLY D 94 24.25 4.37 -10.96
CA GLY D 94 23.12 3.71 -11.58
C GLY D 94 21.94 4.59 -11.78
N ALA D 95 21.53 5.23 -10.72
CA ALA D 95 20.21 5.77 -10.61
C ALA D 95 19.77 6.45 -11.87
N MET D 96 20.67 7.28 -12.37
CA MET D 96 20.41 8.18 -13.45
C MET D 96 20.19 7.40 -14.72
N GLU D 97 20.95 6.32 -14.91
CA GLU D 97 20.76 5.42 -16.03
C GLU D 97 19.37 4.79 -15.96
N VAL D 98 18.95 4.29 -14.78
CA VAL D 98 17.56 3.77 -14.65
C VAL D 98 16.46 4.80 -15.02
N VAL D 99 16.66 6.06 -14.62
CA VAL D 99 15.70 7.14 -14.93
C VAL D 99 15.49 7.29 -16.44
N LEU D 100 16.58 7.25 -17.21
CA LEU D 100 16.53 7.35 -18.66
C LEU D 100 15.87 6.18 -19.30
N VAL D 101 16.06 4.99 -18.74
CA VAL D 101 15.39 3.81 -19.22
C VAL D 101 13.93 3.89 -18.88
N ARG D 102 13.59 4.29 -17.66
CA ARG D 102 12.18 4.29 -17.25
C ARG D 102 11.29 5.13 -18.17
N MET D 103 11.84 6.25 -18.64
CA MET D 103 11.25 7.07 -19.66
C MET D 103 10.64 6.42 -20.90
N CYS D 104 11.21 5.34 -21.40
CA CYS D 104 10.61 4.70 -22.59
C CYS D 104 9.09 4.44 -22.47
N ARG D 105 8.60 4.34 -21.24
CA ARG D 105 7.20 4.12 -20.95
C ARG D 105 6.33 5.35 -21.07
N ALA D 106 6.95 6.50 -21.03
CA ALA D 106 6.25 7.77 -21.20
C ALA D 106 6.34 8.26 -22.61
N TYR D 107 7.13 7.60 -23.46
CA TYR D 107 7.41 8.01 -24.83
C TYR D 107 6.54 7.29 -25.82
N ASN D 108 5.92 8.03 -26.73
CA ASN D 108 5.05 7.48 -27.79
C ASN D 108 5.63 7.60 -29.18
N ALA D 109 5.75 6.47 -29.85
CA ALA D 109 6.42 6.42 -31.13
C ALA D 109 5.45 6.70 -32.28
N ASP D 110 4.14 6.52 -32.08
CA ASP D 110 3.17 6.92 -33.12
C ASP D 110 3.52 8.33 -33.55
N ASN D 111 3.60 9.23 -32.56
CA ASN D 111 3.81 10.67 -32.79
C ASN D 111 5.14 11.30 -32.31
N ARG D 112 6.05 10.51 -31.72
CA ARG D 112 7.35 11.04 -31.28
C ARG D 112 7.26 12.10 -30.14
N THR D 113 6.25 11.95 -29.31
CA THR D 113 5.99 12.77 -28.19
C THR D 113 6.31 12.00 -26.88
N VAL D 114 6.12 12.70 -25.74
CA VAL D 114 6.46 12.19 -24.44
C VAL D 114 5.65 12.92 -23.32
N PHE D 115 5.29 12.17 -22.29
CA PHE D 115 4.41 12.67 -21.26
C PHE D 115 5.25 13.61 -20.43
N PHE D 116 4.80 14.85 -20.20
CA PHE D 116 5.49 15.80 -19.31
C PHE D 116 4.48 16.71 -18.63
N GLU D 117 4.15 16.45 -17.38
CA GLU D 117 3.27 17.33 -16.61
C GLU D 117 1.87 17.34 -17.24
N GLY D 118 1.23 16.19 -17.23
CA GLY D 118 -0.15 16.07 -17.69
C GLY D 118 -0.30 15.69 -19.14
N LYS D 119 0.55 16.16 -20.02
CA LYS D 119 0.25 15.90 -21.40
C LYS D 119 1.48 15.41 -22.16
N TYR D 120 1.29 15.06 -23.42
CA TYR D 120 2.32 14.60 -24.32
C TYR D 120 2.75 15.72 -25.31
N GLY D 121 4.04 15.86 -25.49
CA GLY D 121 4.52 16.68 -26.56
C GLY D 121 5.87 16.24 -27.06
N GLY D 122 6.22 16.88 -28.17
CA GLY D 122 7.41 16.58 -28.90
C GLY D 122 8.56 17.25 -28.22
N MET D 123 9.73 16.94 -28.81
CA MET D 123 11.00 17.53 -28.51
C MET D 123 10.97 19.06 -28.27
N GLU D 124 10.15 19.78 -29.03
CA GLU D 124 10.19 21.20 -29.10
C GLU D 124 9.75 21.83 -27.82
N LEU D 125 8.99 21.05 -27.06
CA LEU D 125 8.61 21.37 -25.69
C LEU D 125 9.78 21.93 -24.82
N PHE D 126 11.03 21.51 -25.06
CA PHE D 126 12.15 21.72 -24.12
C PHE D 126 13.13 22.69 -24.70
N ARG D 127 12.70 23.43 -25.71
CA ARG D 127 13.54 24.42 -26.41
C ARG D 127 14.32 25.38 -25.53
N ALA D 128 13.69 25.93 -24.52
CA ALA D 128 14.35 26.88 -23.65
C ALA D 128 15.45 26.28 -22.78
N LEU D 129 15.56 24.95 -22.69
CA LEU D 129 16.77 24.39 -22.10
C LEU D 129 17.95 24.48 -23.09
N GLY D 130 17.73 24.72 -24.36
CA GLY D 130 18.82 24.69 -25.30
C GLY D 130 19.77 23.46 -25.23
N CYS D 131 19.19 22.26 -25.16
CA CYS D 131 19.89 20.98 -25.30
C CYS D 131 19.26 20.12 -26.42
N SER D 132 19.10 20.71 -27.58
CA SER D 132 18.82 19.95 -28.77
C SER D 132 19.58 18.63 -28.88
N GLU D 133 20.92 18.66 -28.85
CA GLU D 133 21.72 17.44 -28.99
C GLU D 133 21.20 16.37 -28.03
N LEU D 134 21.10 16.76 -26.76
CA LEU D 134 20.74 15.83 -25.68
C LEU D 134 19.27 15.31 -25.67
N ILE D 135 18.33 16.24 -25.87
CA ILE D 135 16.92 15.90 -25.80
C ILE D 135 16.62 15.01 -26.98
N SER D 136 17.29 15.30 -28.08
CA SER D 136 17.15 14.52 -29.30
C SER D 136 17.65 13.12 -29.17
N SER D 137 18.76 12.95 -28.47
CA SER D 137 19.26 11.59 -28.22
C SER D 137 18.44 10.79 -27.17
N ILE D 138 17.79 11.48 -26.25
CA ILE D 138 16.87 10.80 -25.37
C ILE D 138 15.65 10.34 -26.13
N PHE D 139 15.11 11.16 -27.03
CA PHE D 139 13.95 10.72 -27.83
C PHE D 139 14.26 9.46 -28.65
N ASP D 140 15.42 9.47 -29.28
CA ASP D 140 15.91 8.33 -30.06
C ASP D 140 16.16 7.08 -29.31
N PHE D 141 16.85 7.22 -28.20
CA PHE D 141 17.05 6.09 -27.32
C PHE D 141 15.69 5.52 -26.99
N SER D 142 14.79 6.41 -26.50
CA SER D 142 13.47 6.01 -26.03
C SER D 142 12.68 5.41 -27.16
N HIS D 143 12.92 5.88 -28.37
CA HIS D 143 12.26 5.37 -29.57
C HIS D 143 12.54 3.90 -29.79
N SER D 144 13.81 3.54 -29.81
CA SER D 144 14.23 2.16 -30.04
C SER D 144 13.77 1.18 -28.94
N LEU D 145 13.72 1.64 -27.68
CA LEU D 145 13.25 0.76 -26.60
C LEU D 145 11.77 0.46 -26.68
N SER D 146 10.98 1.43 -27.16
CA SER D 146 9.53 1.22 -27.31
C SER D 146 9.18 0.24 -28.44
N ALA D 147 10.10 -0.03 -29.36
CA ALA D 147 9.94 -1.06 -30.42
C ALA D 147 10.17 -2.50 -29.99
N LEU D 148 11.03 -2.69 -28.98
CA LEU D 148 11.09 -3.93 -28.20
C LEU D 148 9.82 -4.28 -27.45
N HIS D 149 8.95 -3.31 -27.19
CA HIS D 149 7.71 -3.53 -26.49
C HIS D 149 8.05 -4.17 -25.16
N PHE D 150 8.77 -3.38 -24.39
CA PHE D 150 9.21 -3.72 -23.07
C PHE D 150 8.00 -3.81 -22.15
N SER D 151 7.91 -4.91 -21.44
CA SER D 151 6.84 -5.17 -20.50
C SER D 151 7.28 -4.61 -19.14
N GLU D 152 6.35 -4.40 -18.24
CA GLU D 152 6.68 -3.71 -16.98
C GLU D 152 7.78 -4.45 -16.17
N ASP D 153 7.68 -5.77 -16.23
CA ASP D 153 8.53 -6.62 -15.50
C ASP D 153 9.83 -6.78 -16.22
N GLU D 154 9.80 -6.76 -17.56
CA GLU D 154 11.09 -6.71 -18.28
C GLU D 154 11.84 -5.48 -17.84
N ILE D 155 11.13 -4.39 -17.69
CA ILE D 155 11.74 -3.17 -17.26
C ILE D 155 12.29 -3.30 -15.86
N ALA D 156 11.60 -4.06 -15.02
CA ALA D 156 11.95 -4.12 -13.61
C ALA D 156 13.27 -4.79 -13.50
N LEU D 157 13.34 -5.95 -14.12
CA LEU D 157 14.47 -6.80 -14.11
C LEU D 157 15.68 -6.15 -14.85
N TYR D 158 15.42 -5.41 -15.91
CA TYR D 158 16.50 -4.72 -16.61
C TYR D 158 17.08 -3.61 -15.75
N THR D 159 16.22 -2.83 -15.12
CA THR D 159 16.66 -1.71 -14.32
C THR D 159 17.36 -2.16 -13.10
N ALA D 160 16.95 -3.30 -12.58
CA ALA D 160 17.60 -3.88 -11.46
C ALA D 160 19.05 -4.22 -11.78
N LEU D 161 19.32 -4.71 -12.97
CA LEU D 161 20.68 -5.11 -13.36
C LEU D 161 21.54 -3.87 -13.63
N VAL D 162 20.98 -2.90 -14.30
CA VAL D 162 21.57 -1.59 -14.39
C VAL D 162 22.25 -1.15 -13.06
N LEU D 163 21.49 -1.09 -11.96
CA LEU D 163 22.03 -0.69 -10.65
C LEU D 163 23.01 -1.67 -10.06
N ILE D 164 22.68 -2.95 -10.10
CA ILE D 164 23.51 -3.96 -9.47
C ILE D 164 24.57 -4.37 -10.44
N ASN D 165 25.58 -3.49 -10.58
CA ASN D 165 26.75 -3.76 -11.36
C ASN D 165 28.05 -3.80 -10.48
N ALA D 166 28.66 -4.97 -10.40
CA ALA D 166 29.88 -5.21 -9.58
C ALA D 166 31.20 -4.92 -10.35
N HIS D 167 31.13 -4.18 -11.45
CA HIS D 167 32.29 -3.55 -12.08
C HIS D 167 32.38 -2.06 -11.80
N ARG D 168 31.34 -1.49 -11.16
CA ARG D 168 31.34 -0.08 -10.73
C ARG D 168 32.49 0.16 -9.79
N PRO D 169 33.45 0.99 -10.20
CA PRO D 169 34.52 1.35 -9.27
C PRO D 169 34.05 2.03 -7.97
N GLY D 170 34.79 1.76 -6.90
CA GLY D 170 34.58 2.34 -5.59
C GLY D 170 34.02 1.36 -4.59
N LEU D 171 33.79 0.10 -5.02
CA LEU D 171 33.03 -0.88 -4.24
C LEU D 171 33.95 -1.52 -3.28
N GLN D 172 33.44 -1.81 -2.10
CA GLN D 172 34.26 -2.40 -1.07
C GLN D 172 34.08 -3.91 -1.10
N GLU D 173 32.87 -4.39 -0.82
CA GLU D 173 32.53 -5.81 -0.85
C GLU D 173 32.11 -6.33 -2.29
N LYS D 174 33.02 -6.27 -3.26
CA LYS D 174 32.72 -6.67 -4.64
C LYS D 174 32.12 -8.09 -4.71
N ARG D 175 32.77 -9.02 -4.04
CA ARG D 175 32.24 -10.38 -3.88
C ARG D 175 30.72 -10.42 -3.63
N LYS D 176 30.22 -9.64 -2.67
CA LYS D 176 28.79 -9.61 -2.38
C LYS D 176 27.91 -9.08 -3.54
N VAL D 177 28.33 -7.99 -4.19
CA VAL D 177 27.51 -7.37 -5.25
C VAL D 177 27.32 -8.31 -6.45
N GLU D 178 28.39 -9.06 -6.76
CA GLU D 178 28.41 -10.08 -7.79
C GLU D 178 27.32 -11.11 -7.55
N GLN D 179 27.34 -11.64 -6.34
CA GLN D 179 26.38 -12.60 -5.92
C GLN D 179 24.99 -12.13 -6.27
N LEU D 180 24.61 -10.94 -5.81
CA LEU D 180 23.29 -10.40 -6.15
C LEU D 180 23.05 -10.28 -7.66
N GLN D 181 24.07 -9.79 -8.37
CA GLN D 181 24.01 -9.51 -9.79
C GLN D 181 23.89 -10.83 -10.62
N TYR D 182 24.56 -11.89 -10.21
CA TYR D 182 24.47 -13.17 -10.95
C TYR D 182 23.09 -13.79 -10.77
N ASN D 183 22.55 -13.73 -9.58
CA ASN D 183 21.21 -14.21 -9.37
C ASN D 183 20.25 -13.43 -10.15
N LEU D 184 20.51 -12.13 -10.26
CA LEU D 184 19.58 -11.24 -10.93
C LEU D 184 19.61 -11.51 -12.39
N GLU D 185 20.79 -11.86 -12.88
CA GLU D 185 20.95 -12.12 -14.28
C GLU D 185 20.09 -13.32 -14.60
N LEU D 186 20.30 -14.32 -13.77
CA LEU D 186 19.70 -15.59 -13.93
C LEU D 186 18.22 -15.45 -13.82
N ALA D 187 17.78 -14.70 -12.81
CA ALA D 187 16.38 -14.39 -12.69
C ALA D 187 15.81 -13.91 -14.01
N PHE D 188 16.47 -12.96 -14.62
CA PHE D 188 16.00 -12.30 -15.81
C PHE D 188 15.91 -13.32 -16.96
N HIS D 189 17.04 -13.92 -17.37
CA HIS D 189 17.04 -14.95 -18.41
C HIS D 189 15.94 -15.94 -18.10
N HIS D 190 15.82 -16.33 -16.84
CA HIS D 190 14.81 -17.33 -16.50
C HIS D 190 13.44 -16.80 -16.82
N HIS D 191 13.20 -15.57 -16.44
CA HIS D 191 11.89 -15.02 -16.62
C HIS D 191 11.54 -14.84 -18.12
N LEU D 192 12.56 -14.62 -18.95
CA LEU D 192 12.36 -14.48 -20.40
C LEU D 192 12.13 -15.81 -21.05
N CYS D 193 12.70 -16.85 -20.46
CA CYS D 193 12.43 -18.20 -20.87
C CYS D 193 10.98 -18.41 -20.51
N LYS D 194 10.58 -18.21 -19.28
CA LYS D 194 9.19 -18.38 -18.91
C LYS D 194 8.11 -17.64 -19.72
N THR D 195 8.40 -16.44 -20.16
CA THR D 195 7.49 -15.60 -20.92
C THR D 195 7.69 -15.69 -22.44
N HIS D 196 8.65 -16.52 -22.88
CA HIS D 196 8.97 -16.72 -24.31
C HIS D 196 9.47 -15.43 -24.98
N ARG D 197 10.27 -14.66 -24.24
CA ARG D 197 10.84 -13.38 -24.72
C ARG D 197 12.37 -13.37 -24.75
N GLN D 198 12.98 -14.49 -25.13
CA GLN D 198 14.41 -14.67 -25.09
C GLN D 198 15.09 -13.74 -26.06
N SER D 199 14.34 -13.33 -27.07
CA SER D 199 14.88 -12.54 -28.13
C SER D 199 15.27 -11.14 -27.66
N ILE D 200 14.61 -10.59 -26.64
CA ILE D 200 14.97 -9.24 -26.24
C ILE D 200 16.43 -9.13 -25.85
N LEU D 201 17.10 -10.23 -25.47
CA LEU D 201 18.57 -10.17 -25.21
C LEU D 201 19.42 -9.78 -26.44
N ALA D 202 19.19 -10.42 -27.58
CA ALA D 202 19.76 -10.00 -28.88
C ALA D 202 19.58 -8.49 -29.24
N LYS D 203 18.50 -7.87 -28.77
CA LYS D 203 18.15 -6.51 -29.11
C LYS D 203 18.18 -5.53 -27.92
N LEU D 204 18.97 -5.74 -26.86
CA LEU D 204 19.08 -4.71 -25.79
C LEU D 204 20.01 -3.57 -26.20
N PRO D 205 19.82 -2.34 -25.66
CA PRO D 205 20.78 -1.30 -26.00
C PRO D 205 22.16 -1.68 -25.45
N PRO D 206 23.24 -1.41 -26.24
CA PRO D 206 24.55 -1.84 -25.72
C PRO D 206 24.91 -1.13 -24.40
N LYS D 207 25.77 -1.79 -23.65
CA LYS D 207 26.04 -1.39 -22.28
C LYS D 207 26.69 0.01 -22.27
N GLY D 208 27.47 0.31 -23.29
CA GLY D 208 28.06 1.61 -23.45
C GLY D 208 27.09 2.71 -23.82
N LYS D 209 26.10 2.42 -24.65
CA LYS D 209 25.17 3.46 -25.14
C LYS D 209 24.49 4.16 -23.98
N LEU D 210 24.02 3.37 -23.03
CA LEU D 210 23.32 3.89 -21.87
C LEU D 210 24.24 4.82 -21.01
N ARG D 211 25.48 4.38 -20.76
CA ARG D 211 26.46 5.17 -19.99
C ARG D 211 26.85 6.48 -20.70
N SER D 212 27.11 6.43 -22.01
CA SER D 212 27.52 7.61 -22.80
C SER D 212 26.45 8.71 -22.76
N LEU D 213 25.24 8.32 -23.14
CA LEU D 213 24.06 9.17 -23.05
C LEU D 213 23.82 9.65 -21.60
N CYS D 214 23.86 8.74 -20.64
CA CYS D 214 23.67 9.13 -19.24
C CYS D 214 24.75 10.07 -18.70
N SER D 215 26.00 9.80 -19.04
CA SER D 215 27.12 10.69 -18.66
C SER D 215 26.86 12.11 -19.16
N GLN D 216 26.55 12.21 -20.45
CA GLN D 216 26.24 13.52 -21.07
C GLN D 216 25.02 14.17 -20.41
N HIS D 217 24.05 13.36 -20.01
CA HIS D 217 22.90 13.81 -19.23
C HIS D 217 23.32 14.36 -17.85
N VAL D 218 24.11 13.56 -17.11
CA VAL D 218 24.65 13.94 -15.77
C VAL D 218 25.29 15.34 -15.84
N GLU D 219 25.94 15.64 -16.97
CA GLU D 219 26.52 16.96 -17.27
C GLU D 219 25.46 18.03 -17.51
O2 4P3 E . -22.61 4.20 3.40
C20 4P3 E . -21.50 3.65 3.56
N1 4P3 E . -20.39 4.10 2.97
C19 4P3 E . -21.43 2.46 4.45
C21 4P3 E . -20.25 1.73 4.66
C22 4P3 E . -20.19 0.63 5.51
C 4P3 E . -21.34 0.25 6.17
CL 4P3 E . -21.35 -1.17 7.25
C18 4P3 E . -22.58 2.10 5.14
C1 4P3 E . -22.58 1.04 5.99
C2 4P3 E . -23.82 0.68 6.67
C17 4P3 E . -24.37 1.52 7.65
C14 4P3 E . -25.58 1.15 8.26
O1 4P3 E . -26.24 1.84 9.21
C15 4P3 E . -25.83 3.07 9.74
C16 4P3 E . -26.74 3.30 10.94
F3 4P3 E . -25.99 4.07 11.68
F2 4P3 E . -27.85 3.97 10.66
F1 4P3 E . -27.06 2.12 11.49
C5 4P3 E . -26.21 -0.11 7.87
C4 4P3 E . -25.62 -0.89 6.91
C3 4P3 E . -24.44 -0.50 6.31
N 4P3 E . -27.40 -0.46 8.45
C6 4P3 E . -28.57 0.42 8.32
C7 4P3 E . -27.44 -1.63 9.03
O 4P3 E . -26.41 -2.21 9.31
C8 4P3 E . -28.82 -2.12 9.32
C13 4P3 E . -29.63 -2.90 8.35
CL1 4P3 E . -29.04 -3.43 6.75
C12 4P3 E . -30.91 -3.30 8.65
C11 4P3 E . -31.45 -2.92 9.86
C10 4P3 E . -30.76 -2.17 10.81
C9 4P3 E . -29.47 -1.72 10.60
F 4P3 E . -28.82 -0.99 11.54
O2 4P3 F . 4.53 22.01 11.63
C20 4P3 F . 5.49 22.33 10.98
N1 4P3 F . 5.36 23.26 10.04
C19 4P3 F . 6.81 21.66 11.28
C21 4P3 F . 8.01 22.12 10.75
C22 4P3 F . 9.21 21.51 11.04
C 4P3 F . 9.22 20.43 11.88
CL 4P3 F . 10.75 19.54 12.29
C18 4P3 F . 6.80 20.58 12.12
C1 4P3 F . 7.96 19.93 12.45
C2 4P3 F . 7.98 18.74 13.36
C17 4P3 F . 7.56 18.95 14.66
C14 4P3 F . 7.52 17.92 15.58
O1 4P3 F . 7.11 18.20 16.84
C15 4P3 F . 8.15 18.69 17.63
C16 4P3 F . 7.71 19.04 19.03
F3 4P3 F . 7.69 20.37 19.05
F2 4P3 F . 6.53 18.50 19.30
F1 4P3 F . 8.57 18.57 19.90
C5 4P3 F . 8.00 16.59 15.17
C4 4P3 F . 8.42 16.41 13.86
C3 4P3 F . 8.40 17.46 12.95
N 4P3 F . 7.94 15.55 16.08
C6 4P3 F . 6.59 15.22 16.57
C7 4P3 F . 9.08 14.94 16.44
O 4P3 F . 10.12 15.55 16.54
C8 4P3 F . 9.02 13.46 16.79
C13 4P3 F . 9.28 12.35 15.88
CL1 4P3 F . 9.77 12.68 14.20
C12 4P3 F . 9.17 11.02 16.33
C11 4P3 F . 8.80 10.72 17.64
C10 4P3 F . 8.53 11.73 18.54
C9 4P3 F . 8.62 13.06 18.14
F 4P3 F . 8.40 14.04 18.98
O2 4P3 G . -12.99 -11.80 -17.81
C20 4P3 G . -13.89 -12.35 -17.22
N1 4P3 G . -15.15 -11.89 -17.38
C19 4P3 G . -13.58 -13.57 -16.36
C21 4P3 G . -14.59 -14.20 -15.61
C22 4P3 G . -14.32 -15.30 -14.82
C 4P3 G . -13.03 -15.79 -14.79
CL 4P3 G . -12.53 -17.18 -13.85
C18 4P3 G . -12.29 -14.06 -16.36
C1 4P3 G . -11.98 -15.18 -15.58
C2 4P3 G . -10.61 -15.71 -15.54
C17 4P3 G . -10.06 -16.32 -16.64
C14 4P3 G . -8.76 -16.78 -16.59
O1 4P3 G . -8.15 -17.40 -17.61
C15 4P3 G . -8.85 -17.97 -18.69
C16 4P3 G . -7.85 -18.76 -19.51
F3 4P3 G . -7.84 -18.32 -20.75
F2 4P3 G . -6.65 -18.57 -18.98
F1 4P3 G . -8.22 -20.03 -19.50
C5 4P3 G . -7.96 -16.59 -15.35
C4 4P3 G . -8.57 -15.98 -14.28
C3 4P3 G . -9.87 -15.53 -14.39
N 4P3 G . -6.62 -17.04 -15.28
C6 4P3 G . -5.65 -16.59 -16.30
C7 4P3 G . -6.32 -17.89 -14.30
O 4P3 G . -7.14 -18.62 -13.74
C8 4P3 G . -4.87 -18.10 -14.00
C13 4P3 G . -3.94 -17.34 -13.11
CL1 4P3 G . -4.38 -15.93 -12.12
C12 4P3 G . -2.62 -17.75 -13.01
C11 4P3 G . -2.17 -18.84 -13.74
C10 4P3 G . -3.01 -19.57 -14.60
C9 4P3 G . -4.34 -19.24 -14.76
F 4P3 G . -5.20 -19.90 -15.58
O2 4P3 H . 6.47 15.70 -15.08
C20 4P3 H . 6.67 14.59 -15.30
N1 4P3 H . 5.70 13.77 -15.52
C19 4P3 H . 8.05 14.11 -15.23
C21 4P3 H . 8.27 13.06 -14.38
C22 4P3 H . 9.51 12.54 -14.23
C 4P3 H . 10.52 13.10 -14.94
CL 4P3 H . 12.12 12.45 -14.73
C18 4P3 H . 9.06 14.73 -15.96
C1 4P3 H . 10.34 14.24 -15.83
C2 4P3 H . 11.50 14.81 -16.56
C17 4P3 H . 11.51 14.89 -17.93
C14 4P3 H . 12.58 15.40 -18.60
O1 4P3 H . 12.61 15.50 -19.94
C15 4P3 H . 11.67 14.88 -20.76
C16 4P3 H . 12.46 14.32 -21.89
F3 4P3 H . 11.81 13.46 -22.55
F2 4P3 H . 12.84 15.21 -22.71
F1 4P3 H . 13.47 13.78 -21.35
C5 4P3 H . 13.74 15.86 -17.83
C4 4P3 H . 13.70 15.78 -16.48
C3 4P3 H . 12.59 15.26 -15.87
N 4P3 H . 14.80 16.40 -18.54
C6 4P3 H . 14.38 17.48 -19.41
C7 4P3 H . 16.04 15.96 -18.43
O 4P3 H . 16.38 15.01 -17.74
C8 4P3 H . 17.07 16.61 -19.27
C13 4P3 H . 17.79 17.83 -18.92
CL1 4P3 H . 17.55 18.63 -17.38
C12 4P3 H . 18.70 18.39 -19.78
C11 4P3 H . 18.91 17.81 -21.00
C10 4P3 H . 18.25 16.68 -21.39
C9 4P3 H . 17.33 16.08 -20.58
F 4P3 H . 16.70 14.98 -20.97
#